data_4IJU
#
_entry.id   4IJU
#
_cell.length_a   74.400
_cell.length_b   94.200
_cell.length_c   167.800
_cell.angle_alpha   90.00
_cell.angle_beta   90.00
_cell.angle_gamma   90.00
#
_symmetry.space_group_name_H-M   'P 21 21 21'
#
loop_
_entity.id
_entity.type
_entity.pdbx_description
1 polymer 'Corticosteroid 11-beta-dehydrogenase isozyme 1'
2 non-polymer 'NADP NICOTINAMIDE-ADENINE-DINUCLEOTIDE PHOSPHATE'
3 non-polymer (1s,4s)-4-[8-(2-fluorophenoxy)[1,2,4]triazolo[4,3-a]pyridin-3-yl]bicyclo[2.2.1]heptan-1-ol
4 non-polymer 'CHLORIDE ION'
5 water water
#
_entity_poly.entity_id   1
_entity_poly.type   'polypeptide(L)'
_entity_poly.pdbx_seq_one_letter_code
;GSHMASMTGGQQMGRGSNEEFRPEMLQGKKVIVTGASKGIGREMAYHLAKMGAHVVVTARSKETLQKVVSHCLELGAASA
HYIAGTMEDMTFAEQFVAQAGKLMGGLDMLILNHITNTSLNLFHDDIHHVRKSMEVNFLSYVVLTVAALPMLKQSNGSIV
VVSSLAGKVAYPMVAAYSASKFALDGFFSSIRKEYSVSRVNVSITLCVLGLIDTETAMKAVSGIVHMQAAPKEECALEII
KGGALRQEEVYYDSSRWTTLLIRNPCRKILEELYSTSYNMDRFINK
;
_entity_poly.pdbx_strand_id   A,B,D,E
#
# COMPACT_ATOMS: atom_id res chain seq x y z
N GLU A 20 -15.45 14.15 -16.47
CA GLU A 20 -14.69 15.07 -17.33
C GLU A 20 -15.25 16.48 -17.14
N PHE A 21 -14.40 17.40 -16.69
CA PHE A 21 -14.77 18.78 -16.42
C PHE A 21 -15.09 19.59 -17.69
N ARG A 22 -16.07 20.50 -17.55
CA ARG A 22 -16.47 21.45 -18.58
C ARG A 22 -16.59 22.81 -17.90
N PRO A 23 -16.05 23.92 -18.49
CA PRO A 23 -16.17 25.24 -17.85
C PRO A 23 -17.60 25.69 -17.53
N GLU A 24 -18.57 25.14 -18.26
CA GLU A 24 -20.00 25.40 -18.11
C GLU A 24 -20.57 24.94 -16.76
N MET A 25 -19.85 24.04 -16.06
CA MET A 25 -20.23 23.57 -14.72
C MET A 25 -20.22 24.71 -13.69
N LEU A 26 -19.47 25.79 -13.98
CA LEU A 26 -19.38 26.97 -13.10
C LEU A 26 -20.24 28.15 -13.53
N GLN A 27 -20.83 28.09 -14.74
CA GLN A 27 -21.69 29.14 -15.28
C GLN A 27 -22.90 29.39 -14.36
N GLY A 28 -23.00 30.61 -13.82
CA GLY A 28 -24.09 30.99 -12.92
C GLY A 28 -23.99 30.47 -11.51
N LYS A 29 -22.88 29.79 -11.17
CA LYS A 29 -22.63 29.28 -9.80
C LYS A 29 -22.24 30.40 -8.88
N LYS A 30 -22.69 30.34 -7.63
CA LYS A 30 -22.41 31.32 -6.58
C LYS A 30 -21.24 30.78 -5.74
N VAL A 31 -20.07 31.44 -5.90
CA VAL A 31 -18.79 31.01 -5.33
C VAL A 31 -18.12 32.04 -4.44
N ILE A 32 -17.64 31.58 -3.27
CA ILE A 32 -16.83 32.35 -2.35
C ILE A 32 -15.38 31.90 -2.58
N VAL A 33 -14.42 32.85 -2.64
CA VAL A 33 -12.99 32.55 -2.73
C VAL A 33 -12.30 33.37 -1.63
N THR A 34 -11.66 32.69 -0.66
CA THR A 34 -10.94 33.39 0.42
C THR A 34 -9.50 33.52 -0.03
N GLY A 35 -8.77 34.47 0.58
CA GLY A 35 -7.39 34.76 0.21
C GLY A 35 -7.26 35.00 -1.28
N ALA A 36 -8.18 35.79 -1.85
CA ALA A 36 -8.30 36.02 -3.29
C ALA A 36 -7.76 37.32 -3.85
N SER A 37 -6.99 38.08 -3.07
CA SER A 37 -6.40 39.36 -3.55
C SER A 37 -5.08 39.08 -4.29
N LYS A 38 -4.48 37.91 -4.07
CA LYS A 38 -3.23 37.49 -4.70
C LYS A 38 -3.10 35.98 -4.79
N GLY A 39 -2.02 35.53 -5.44
CA GLY A 39 -1.64 34.15 -5.65
C GLY A 39 -2.69 33.27 -6.30
N ILE A 40 -2.81 32.05 -5.77
CA ILE A 40 -3.75 31.04 -6.26
C ILE A 40 -5.21 31.51 -6.15
N GLY A 41 -5.57 32.13 -5.02
CA GLY A 41 -6.91 32.66 -4.79
C GLY A 41 -7.36 33.62 -5.87
N ARG A 42 -6.49 34.58 -6.24
CA ARG A 42 -6.75 35.54 -7.31
C ARG A 42 -6.94 34.80 -8.67
N GLU A 43 -6.07 33.82 -8.95
CA GLU A 43 -6.16 32.99 -10.16
C GLU A 43 -7.48 32.25 -10.23
N MET A 44 -7.99 31.74 -9.08
CA MET A 44 -9.28 31.04 -9.02
C MET A 44 -10.43 31.99 -9.32
N ALA A 45 -10.38 33.22 -8.74
CA ALA A 45 -11.38 34.25 -8.99
C ALA A 45 -11.46 34.55 -10.51
N TYR A 46 -10.30 34.69 -11.17
CA TYR A 46 -10.19 34.97 -12.61
C TYR A 46 -10.74 33.84 -13.48
N HIS A 47 -10.44 32.57 -13.13
CA HIS A 47 -11.00 31.43 -13.87
C HIS A 47 -12.50 31.40 -13.76
N LEU A 48 -13.03 31.63 -12.54
CA LEU A 48 -14.48 31.62 -12.26
C LEU A 48 -15.19 32.73 -13.00
N ALA A 49 -14.56 33.91 -13.10
CA ALA A 49 -15.07 35.10 -13.82
C ALA A 49 -15.22 34.76 -15.30
N LYS A 50 -14.19 34.12 -15.90
CA LYS A 50 -14.20 33.68 -17.30
C LYS A 50 -15.31 32.65 -17.55
N MET A 51 -15.56 31.77 -16.56
CA MET A 51 -16.60 30.72 -16.63
C MET A 51 -18.02 31.27 -16.44
N GLY A 52 -18.14 32.54 -16.06
CA GLY A 52 -19.43 33.20 -15.87
C GLY A 52 -20.08 32.93 -14.53
N ALA A 53 -19.26 32.68 -13.49
CA ALA A 53 -19.79 32.43 -12.15
C ALA A 53 -20.06 33.75 -11.46
N HIS A 54 -20.87 33.71 -10.40
CA HIS A 54 -21.11 34.82 -9.48
C HIS A 54 -19.99 34.64 -8.44
N VAL A 55 -19.27 35.72 -8.14
CA VAL A 55 -18.09 35.62 -7.28
C VAL A 55 -18.08 36.63 -6.13
N VAL A 56 -17.68 36.17 -4.93
CA VAL A 56 -17.45 37.02 -3.74
C VAL A 56 -16.06 36.65 -3.23
N VAL A 57 -15.14 37.60 -3.33
CA VAL A 57 -13.74 37.44 -2.93
C VAL A 57 -13.45 38.12 -1.60
N THR A 58 -12.52 37.55 -0.82
CA THR A 58 -12.11 38.11 0.46
C THR A 58 -10.59 38.02 0.67
N ALA A 59 -10.09 38.92 1.54
CA ALA A 59 -8.69 39.12 2.00
C ALA A 59 -8.74 40.38 2.85
N ARG A 60 -7.61 40.81 3.42
CA ARG A 60 -7.64 42.00 4.27
C ARG A 60 -7.63 43.32 3.48
N SER A 61 -6.92 43.36 2.36
CA SER A 61 -6.73 44.57 1.54
C SER A 61 -7.87 44.90 0.59
N LYS A 62 -8.69 45.92 0.93
CA LYS A 62 -9.80 46.36 0.09
C LYS A 62 -9.34 46.89 -1.28
N GLU A 63 -8.16 47.56 -1.32
CA GLU A 63 -7.59 48.15 -2.54
C GLU A 63 -7.20 47.10 -3.55
N THR A 64 -6.56 46.00 -3.10
CA THR A 64 -6.18 44.89 -3.97
C THR A 64 -7.40 44.06 -4.34
N LEU A 65 -8.36 43.91 -3.42
CA LEU A 65 -9.62 43.19 -3.71
C LEU A 65 -10.43 43.93 -4.79
N GLN A 66 -10.46 45.29 -4.75
CA GLN A 66 -11.11 46.16 -5.73
C GLN A 66 -10.59 45.87 -7.16
N LYS A 67 -9.27 45.73 -7.31
CA LYS A 67 -8.59 45.42 -8.58
C LYS A 67 -9.02 44.05 -9.11
N VAL A 68 -9.12 43.03 -8.23
CA VAL A 68 -9.53 41.66 -8.57
C VAL A 68 -10.99 41.67 -9.04
N VAL A 69 -11.88 42.31 -8.27
CA VAL A 69 -13.31 42.44 -8.61
C VAL A 69 -13.47 43.10 -9.99
N SER A 70 -12.82 44.27 -10.20
CA SER A 70 -12.85 45.01 -11.47
C SER A 70 -12.39 44.12 -12.62
N HIS A 71 -11.28 43.39 -12.46
CA HIS A 71 -10.81 42.46 -13.49
C HIS A 71 -11.76 41.28 -13.72
N CYS A 72 -12.40 40.77 -12.65
CA CYS A 72 -13.38 39.68 -12.73
C CYS A 72 -14.56 40.09 -13.61
N LEU A 73 -15.06 41.33 -13.44
CA LEU A 73 -16.16 41.90 -14.22
C LEU A 73 -15.80 42.01 -15.70
N GLU A 74 -14.54 42.40 -16.00
CA GLU A 74 -13.96 42.51 -17.36
C GLU A 74 -13.88 41.13 -18.00
N LEU A 75 -13.49 40.11 -17.22
CA LEU A 75 -13.34 38.73 -17.70
C LEU A 75 -14.67 38.03 -18.01
N GLY A 76 -15.78 38.56 -17.50
CA GLY A 76 -17.10 37.99 -17.77
C GLY A 76 -17.85 37.38 -16.59
N ALA A 77 -17.54 37.82 -15.35
CA ALA A 77 -18.23 37.29 -14.17
C ALA A 77 -19.70 37.72 -14.21
N ALA A 78 -20.63 36.82 -13.79
CA ALA A 78 -22.07 37.12 -13.75
C ALA A 78 -22.29 38.27 -12.76
N SER A 79 -21.45 38.30 -11.70
CA SER A 79 -21.38 39.38 -10.71
C SER A 79 -20.12 39.18 -9.90
N ALA A 80 -19.56 40.28 -9.36
CA ALA A 80 -18.33 40.21 -8.60
C ALA A 80 -18.37 41.22 -7.47
N HIS A 81 -18.09 40.77 -6.25
CA HIS A 81 -18.05 41.59 -5.06
C HIS A 81 -16.87 41.18 -4.20
N TYR A 82 -16.45 42.06 -3.30
CA TYR A 82 -15.44 41.79 -2.30
C TYR A 82 -15.95 42.27 -0.97
N ILE A 83 -15.47 41.67 0.11
CA ILE A 83 -15.72 42.07 1.49
C ILE A 83 -14.34 41.90 2.13
N ALA A 84 -13.77 43.01 2.63
CA ALA A 84 -12.44 42.99 3.24
C ALA A 84 -12.53 42.75 4.74
N GLY A 85 -11.58 41.98 5.23
CA GLY A 85 -11.47 41.66 6.66
C GLY A 85 -10.42 40.62 6.97
N THR A 86 -10.12 40.44 8.25
CA THR A 86 -9.14 39.47 8.70
C THR A 86 -9.80 38.18 9.18
N MET A 87 -9.22 37.05 8.74
CA MET A 87 -9.68 35.72 9.13
C MET A 87 -9.19 35.31 10.53
N GLU A 88 -8.47 36.22 11.23
CA GLU A 88 -8.06 36.09 12.63
C GLU A 88 -9.31 36.33 13.50
N ASP A 89 -10.25 37.11 12.95
CA ASP A 89 -11.50 37.50 13.60
C ASP A 89 -12.59 36.55 13.17
N MET A 90 -12.95 35.62 14.07
CA MET A 90 -13.98 34.59 13.88
C MET A 90 -15.37 35.18 13.64
N THR A 91 -15.66 36.36 14.23
CA THR A 91 -16.93 37.07 14.04
C THR A 91 -16.99 37.59 12.59
N PHE A 92 -15.87 38.15 12.08
CA PHE A 92 -15.79 38.58 10.69
C PHE A 92 -16.03 37.39 9.77
N ALA A 93 -15.34 36.24 10.00
CA ALA A 93 -15.48 35.01 9.20
C ALA A 93 -16.95 34.61 9.10
N GLU A 94 -17.65 34.56 10.24
CA GLU A 94 -19.06 34.23 10.34
C GLU A 94 -19.97 35.23 9.60
N GLN A 95 -19.79 36.55 9.83
CA GLN A 95 -20.61 37.60 9.18
C GLN A 95 -20.34 37.71 7.70
N PHE A 96 -19.07 37.47 7.26
CA PHE A 96 -18.67 37.52 5.87
C PHE A 96 -19.52 36.55 5.00
N VAL A 97 -19.72 35.32 5.48
CA VAL A 97 -20.49 34.30 4.76
C VAL A 97 -21.94 34.73 4.56
N ALA A 98 -22.59 35.24 5.62
CA ALA A 98 -23.98 35.69 5.61
C ALA A 98 -24.11 36.80 4.57
N GLN A 99 -23.19 37.77 4.57
CA GLN A 99 -23.18 38.88 3.62
C GLN A 99 -22.91 38.43 2.20
N ALA A 100 -21.92 37.53 2.01
CA ALA A 100 -21.61 37.01 0.69
C ALA A 100 -22.85 36.29 0.10
N GLY A 101 -23.51 35.48 0.92
CA GLY A 101 -24.73 34.77 0.55
C GLY A 101 -25.90 35.70 0.23
N LYS A 102 -26.00 36.83 0.95
CA LYS A 102 -27.03 37.87 0.76
C LYS A 102 -26.81 38.58 -0.58
N LEU A 103 -25.54 38.84 -0.95
CA LEU A 103 -25.18 39.48 -2.22
C LEU A 103 -25.57 38.64 -3.42
N MET A 104 -25.37 37.31 -3.31
CA MET A 104 -25.58 36.37 -4.40
C MET A 104 -26.91 35.66 -4.40
N GLY A 105 -27.61 35.67 -3.26
CA GLY A 105 -28.88 34.97 -3.12
C GLY A 105 -28.64 33.47 -2.96
N GLY A 106 -27.58 33.12 -2.23
CA GLY A 106 -27.22 31.73 -1.99
C GLY A 106 -25.74 31.45 -2.17
N LEU A 107 -25.38 30.17 -2.13
CA LEU A 107 -24.01 29.72 -2.25
C LEU A 107 -23.94 28.31 -2.78
N ASP A 108 -23.10 28.10 -3.80
CA ASP A 108 -22.88 26.78 -4.42
C ASP A 108 -21.53 26.19 -4.06
N MET A 109 -20.51 27.04 -3.94
CA MET A 109 -19.16 26.59 -3.66
C MET A 109 -18.45 27.52 -2.72
N LEU A 110 -17.80 26.95 -1.70
CA LEU A 110 -17.03 27.67 -0.70
C LEU A 110 -15.57 27.27 -0.87
N ILE A 111 -14.75 28.19 -1.38
CA ILE A 111 -13.32 27.90 -1.59
C ILE A 111 -12.50 28.53 -0.49
N LEU A 112 -11.96 27.66 0.39
CA LEU A 112 -11.17 28.05 1.58
C LEU A 112 -9.71 27.95 1.22
N ASN A 113 -9.08 29.11 1.02
CA ASN A 113 -7.73 29.23 0.48
C ASN A 113 -6.75 30.06 1.27
N HIS A 114 -7.21 31.08 2.01
CA HIS A 114 -6.35 31.97 2.80
C HIS A 114 -5.49 31.22 3.86
N ILE A 115 -4.31 31.79 4.16
CA ILE A 115 -3.38 31.33 5.20
C ILE A 115 -2.76 32.57 5.82
N THR A 116 -2.26 32.46 7.07
CA THR A 116 -1.55 33.55 7.74
C THR A 116 -0.16 33.64 7.09
N ASN A 117 0.44 34.85 7.04
CA ASN A 117 1.78 35.07 6.46
C ASN A 117 2.81 34.16 7.14
N THR A 118 3.52 33.37 6.34
CA THR A 118 4.50 32.42 6.89
C THR A 118 5.81 32.39 6.15
N SER A 119 6.89 32.37 6.91
CA SER A 119 8.24 32.31 6.32
C SER A 119 8.86 30.99 6.74
N LEU A 120 9.94 30.57 6.07
CA LEU A 120 10.56 29.30 6.44
C LEU A 120 11.56 29.56 7.56
N ASN A 121 11.47 28.79 8.63
CA ASN A 121 12.31 28.94 9.82
C ASN A 121 12.25 27.68 10.61
N LEU A 122 13.29 27.39 11.39
CA LEU A 122 13.29 26.25 12.29
C LEU A 122 12.37 26.64 13.47
N PHE A 123 11.67 25.66 14.01
CA PHE A 123 10.83 25.91 15.15
C PHE A 123 11.72 25.96 16.40
N HIS A 124 11.59 27.05 17.17
CA HIS A 124 12.32 27.19 18.42
C HIS A 124 11.36 27.48 19.56
N ASP A 125 10.79 28.68 19.60
CA ASP A 125 9.89 29.03 20.69
C ASP A 125 8.74 29.95 20.24
N ASP A 126 8.50 30.04 18.93
CA ASP A 126 7.43 30.89 18.42
C ASP A 126 6.02 30.23 18.52
N ILE A 127 5.50 30.14 19.77
CA ILE A 127 4.18 29.61 20.09
C ILE A 127 3.07 30.50 19.49
N HIS A 128 3.32 31.85 19.41
CA HIS A 128 2.35 32.78 18.85
CA HIS A 128 2.40 32.84 18.83
C HIS A 128 2.09 32.46 17.38
N HIS A 129 3.12 32.05 16.62
CA HIS A 129 2.96 31.66 15.23
C HIS A 129 2.23 30.31 15.10
N VAL A 130 2.51 29.34 15.99
CA VAL A 130 1.82 28.04 15.99
C VAL A 130 0.30 28.25 16.23
N ARG A 131 -0.06 29.08 17.23
CA ARG A 131 -1.47 29.40 17.55
C ARG A 131 -2.16 30.17 16.39
N LYS A 132 -1.50 31.21 15.85
CA LYS A 132 -2.04 32.02 14.76
C LYS A 132 -2.26 31.16 13.50
N SER A 133 -1.29 30.27 13.20
CA SER A 133 -1.41 29.29 12.12
C SER A 133 -2.64 28.45 12.32
N MET A 134 -2.86 27.92 13.53
CA MET A 134 -4.03 27.09 13.82
C MET A 134 -5.34 27.88 13.73
N GLU A 135 -5.34 29.13 14.24
CA GLU A 135 -6.52 30.01 14.21
C GLU A 135 -6.92 30.40 12.78
N VAL A 136 -5.98 30.94 12.00
CA VAL A 136 -6.19 31.41 10.63
C VAL A 136 -6.32 30.28 9.61
N ASN A 137 -5.33 29.38 9.57
CA ASN A 137 -5.32 28.31 8.56
C ASN A 137 -6.31 27.19 8.79
N PHE A 138 -6.74 26.99 10.04
CA PHE A 138 -7.61 25.88 10.37
C PHE A 138 -8.97 26.27 10.99
N LEU A 139 -8.95 26.91 12.17
CA LEU A 139 -10.15 27.30 12.87
C LEU A 139 -11.12 28.16 12.06
N SER A 140 -10.59 29.17 11.32
CA SER A 140 -11.45 30.02 10.50
C SER A 140 -12.14 29.24 9.37
N TYR A 141 -11.48 28.18 8.84
CA TYR A 141 -12.06 27.31 7.80
C TYR A 141 -13.27 26.60 8.36
N VAL A 142 -13.19 26.16 9.64
CA VAL A 142 -14.29 25.51 10.37
C VAL A 142 -15.44 26.51 10.60
N VAL A 143 -15.12 27.73 11.04
CA VAL A 143 -16.11 28.80 11.28
C VAL A 143 -16.82 29.13 9.97
N LEU A 144 -16.05 29.30 8.87
CA LEU A 144 -16.60 29.58 7.53
C LEU A 144 -17.54 28.45 7.04
N THR A 145 -17.16 27.18 7.29
CA THR A 145 -17.96 26.00 6.94
C THR A 145 -19.31 25.99 7.70
N VAL A 146 -19.27 26.24 9.04
CA VAL A 146 -20.48 26.29 9.88
C VAL A 146 -21.44 27.36 9.36
N ALA A 147 -20.93 28.57 9.06
CA ALA A 147 -21.72 29.67 8.54
C ALA A 147 -22.29 29.39 7.15
N ALA A 148 -21.54 28.68 6.31
CA ALA A 148 -21.92 28.38 4.92
C ALA A 148 -22.83 27.14 4.72
N LEU A 149 -22.78 26.17 5.66
CA LEU A 149 -23.51 24.90 5.52
C LEU A 149 -25.01 24.98 5.17
N PRO A 150 -25.85 25.82 5.85
CA PRO A 150 -27.28 25.86 5.48
C PRO A 150 -27.52 26.20 4.01
N MET A 151 -26.76 27.18 3.46
CA MET A 151 -26.83 27.56 2.05
C MET A 151 -26.32 26.46 1.12
N LEU A 152 -25.21 25.80 1.50
CA LEU A 152 -24.64 24.69 0.73
C LEU A 152 -25.55 23.48 0.72
N LYS A 153 -26.27 23.22 1.84
CA LYS A 153 -27.25 22.12 1.96
C LYS A 153 -28.44 22.39 0.99
N GLN A 154 -28.88 23.64 0.93
CA GLN A 154 -29.96 24.11 0.04
C GLN A 154 -29.58 23.91 -1.46
N SER A 155 -28.31 24.16 -1.82
CA SER A 155 -27.87 24.00 -3.20
C SER A 155 -27.20 22.65 -3.51
N ASN A 156 -27.01 21.77 -2.50
CA ASN A 156 -26.25 20.51 -2.63
C ASN A 156 -24.83 20.89 -3.13
N GLY A 157 -24.29 21.92 -2.49
CA GLY A 157 -23.03 22.55 -2.82
C GLY A 157 -21.75 21.81 -2.50
N SER A 158 -20.66 22.59 -2.50
CA SER A 158 -19.32 22.08 -2.33
C SER A 158 -18.44 22.94 -1.45
N ILE A 159 -17.59 22.28 -0.65
CA ILE A 159 -16.55 22.91 0.18
C ILE A 159 -15.22 22.48 -0.45
N VAL A 160 -14.38 23.46 -0.76
CA VAL A 160 -13.07 23.21 -1.35
C VAL A 160 -12.04 23.73 -0.36
N VAL A 161 -11.19 22.81 0.14
CA VAL A 161 -10.17 23.10 1.16
C VAL A 161 -8.80 23.05 0.52
N VAL A 162 -8.10 24.19 0.50
CA VAL A 162 -6.77 24.26 -0.07
C VAL A 162 -5.72 23.89 0.98
N SER A 163 -5.02 22.79 0.72
CA SER A 163 -3.99 22.27 1.63
C SER A 163 -2.65 22.24 0.89
N SER A 164 -1.72 21.37 1.32
CA SER A 164 -0.38 21.29 0.77
C SER A 164 0.12 19.86 0.91
N LEU A 165 1.22 19.53 0.21
CA LEU A 165 1.91 18.26 0.38
C LEU A 165 2.41 18.19 1.84
N ALA A 166 2.72 19.37 2.45
CA ALA A 166 3.13 19.53 3.87
C ALA A 166 1.94 19.23 4.81
N GLY A 167 0.77 19.00 4.25
CA GLY A 167 -0.45 18.58 4.95
C GLY A 167 -0.73 17.09 4.78
N LYS A 168 0.21 16.34 4.16
CA LYS A 168 0.14 14.89 3.92
C LYS A 168 1.44 14.20 4.36
N VAL A 169 2.57 14.91 4.25
CA VAL A 169 3.92 14.43 4.62
C VAL A 169 4.59 15.53 5.47
N ALA A 170 5.62 15.16 6.25
CA ALA A 170 6.37 16.10 7.07
C ALA A 170 7.39 16.82 6.18
N TYR A 171 7.67 18.08 6.51
CA TYR A 171 8.63 18.92 5.81
C TYR A 171 9.23 19.90 6.84
N PRO A 172 10.58 19.99 6.92
CA PRO A 172 11.19 20.92 7.90
C PRO A 172 10.95 22.38 7.52
N MET A 173 11.09 23.30 8.51
CA MET A 173 10.97 24.77 8.37
C MET A 173 9.52 25.32 8.27
N VAL A 174 8.53 24.41 8.25
CA VAL A 174 7.10 24.75 8.12
C VAL A 174 6.26 23.96 9.13
N ALA A 175 6.82 23.70 10.33
CA ALA A 175 6.14 22.89 11.37
C ALA A 175 4.72 23.33 11.76
N ALA A 176 4.54 24.60 12.12
CA ALA A 176 3.24 25.20 12.50
C ALA A 176 2.26 25.13 11.33
N TYR A 177 2.73 25.50 10.12
CA TYR A 177 1.97 25.47 8.88
C TYR A 177 1.50 24.03 8.57
N SER A 178 2.44 23.07 8.64
CA SER A 178 2.21 21.64 8.40
C SER A 178 1.14 21.11 9.38
N ALA A 179 1.27 21.46 10.69
CA ALA A 179 0.31 21.10 11.73
C ALA A 179 -1.10 21.59 11.35
N SER A 180 -1.21 22.84 10.88
CA SER A 180 -2.50 23.42 10.48
C SER A 180 -3.10 22.72 9.24
N LYS A 181 -2.24 22.28 8.29
CA LYS A 181 -2.68 21.59 7.08
C LYS A 181 -3.08 20.15 7.36
N PHE A 182 -2.35 19.47 8.28
CA PHE A 182 -2.68 18.11 8.72
C PHE A 182 -4.04 18.18 9.43
N ALA A 183 -4.25 19.17 10.33
CA ALA A 183 -5.52 19.39 11.05
C ALA A 183 -6.71 19.48 10.07
N LEU A 184 -6.54 20.20 8.95
CA LEU A 184 -7.58 20.31 7.91
C LEU A 184 -7.99 18.93 7.37
N ASP A 185 -7.01 18.04 7.15
CA ASP A 185 -7.28 16.68 6.66
C ASP A 185 -8.12 15.90 7.68
N GLY A 186 -7.65 15.83 8.93
CA GLY A 186 -8.35 15.16 10.03
C GLY A 186 -9.79 15.67 10.21
N PHE A 187 -9.94 16.99 10.25
CA PHE A 187 -11.25 17.59 10.44
C PHE A 187 -12.21 17.32 9.29
N PHE A 188 -11.85 17.78 8.10
CA PHE A 188 -12.68 17.68 6.91
C PHE A 188 -12.93 16.28 6.40
N SER A 189 -11.96 15.36 6.58
CA SER A 189 -12.16 13.97 6.15
C SER A 189 -13.12 13.24 7.11
N SER A 190 -13.12 13.64 8.40
CA SER A 190 -14.01 13.06 9.41
C SER A 190 -15.46 13.54 9.20
N ILE A 191 -15.66 14.85 8.97
CA ILE A 191 -17.01 15.40 8.71
C ILE A 191 -17.58 14.88 7.38
N ARG A 192 -16.68 14.58 6.38
CA ARG A 192 -17.11 13.99 5.10
C ARG A 192 -17.81 12.63 5.37
N LYS A 193 -17.26 11.79 6.28
CA LYS A 193 -17.87 10.51 6.66
C LYS A 193 -19.19 10.77 7.35
N GLU A 194 -19.22 11.77 8.25
CA GLU A 194 -20.44 12.17 8.97
C GLU A 194 -21.53 12.63 8.00
N TYR A 195 -21.18 13.44 6.97
CA TYR A 195 -22.11 13.96 5.96
C TYR A 195 -22.72 12.82 5.14
N SER A 196 -21.89 11.82 4.81
CA SER A 196 -22.28 10.64 4.05
C SER A 196 -23.40 9.86 4.77
N VAL A 197 -23.26 9.65 6.09
CA VAL A 197 -24.25 8.93 6.88
C VAL A 197 -25.45 9.81 7.26
N SER A 198 -25.25 11.14 7.36
CA SER A 198 -26.30 12.12 7.73
C SER A 198 -27.10 12.56 6.50
N ARG A 199 -26.68 12.10 5.31
CA ARG A 199 -27.25 12.42 4.00
C ARG A 199 -27.22 13.94 3.75
N VAL A 200 -26.06 14.57 4.09
CA VAL A 200 -25.76 15.99 3.86
C VAL A 200 -25.03 15.93 2.50
N ASN A 201 -25.72 16.33 1.42
CA ASN A 201 -25.18 16.27 0.06
C ASN A 201 -24.29 17.48 -0.28
N VAL A 202 -23.24 17.67 0.54
CA VAL A 202 -22.25 18.73 0.40
C VAL A 202 -20.92 18.02 0.24
N SER A 203 -20.31 18.13 -0.94
CA SER A 203 -19.01 17.52 -1.22
C SER A 203 -17.87 18.30 -0.53
N ILE A 204 -16.78 17.60 -0.21
CA ILE A 204 -15.58 18.15 0.43
C ILE A 204 -14.36 17.74 -0.39
N THR A 205 -13.67 18.74 -0.99
CA THR A 205 -12.49 18.53 -1.81
C THR A 205 -11.26 19.06 -1.08
N LEU A 206 -10.33 18.18 -0.75
CA LEU A 206 -9.06 18.52 -0.10
C LEU A 206 -8.00 18.59 -1.22
N CYS A 207 -7.42 19.77 -1.43
CA CYS A 207 -6.45 19.99 -2.50
C CYS A 207 -5.05 19.98 -1.92
N VAL A 208 -4.25 19.01 -2.35
CA VAL A 208 -2.89 18.76 -1.89
C VAL A 208 -1.93 19.31 -2.94
N LEU A 209 -1.42 20.52 -2.68
CA LEU A 209 -0.54 21.23 -3.58
C LEU A 209 0.93 21.16 -3.20
N GLY A 210 1.78 20.98 -4.23
CA GLY A 210 3.23 21.06 -4.08
C GLY A 210 3.61 22.52 -4.22
N LEU A 211 4.88 22.80 -4.46
CA LEU A 211 5.35 24.19 -4.58
C LEU A 211 4.73 24.89 -5.80
N ILE A 212 4.14 26.09 -5.59
CA ILE A 212 3.45 26.88 -6.63
C ILE A 212 4.13 28.24 -6.79
N ASP A 213 4.36 28.67 -8.04
CA ASP A 213 5.10 29.91 -8.37
C ASP A 213 4.44 31.25 -7.98
N THR A 214 3.76 31.30 -6.82
CA THR A 214 3.17 32.55 -6.37
C THR A 214 4.29 33.45 -5.89
N GLU A 215 4.10 34.77 -5.99
CA GLU A 215 5.05 35.78 -5.57
C GLU A 215 5.51 35.55 -4.14
N THR A 216 4.57 35.35 -3.17
CA THR A 216 4.94 35.14 -1.76
C THR A 216 5.75 33.86 -1.52
N ALA A 217 5.39 32.73 -2.21
CA ALA A 217 6.12 31.47 -2.04
C ALA A 217 7.51 31.56 -2.61
N MET A 218 7.66 32.13 -3.82
CA MET A 218 8.95 32.29 -4.48
C MET A 218 9.91 33.13 -3.64
N LYS A 219 9.43 34.20 -3.01
CA LYS A 219 10.23 35.03 -2.11
C LYS A 219 10.56 34.26 -0.82
N ALA A 220 9.58 33.55 -0.21
CA ALA A 220 9.78 32.82 1.05
C ALA A 220 10.80 31.67 0.95
N VAL A 221 10.81 30.98 -0.21
CA VAL A 221 11.65 29.81 -0.46
C VAL A 221 12.97 30.10 -1.15
N SER A 222 13.16 31.35 -1.65
CA SER A 222 14.37 31.79 -2.35
C SER A 222 15.67 31.37 -1.64
N GLY A 223 16.48 30.59 -2.34
CA GLY A 223 17.77 30.11 -1.85
C GLY A 223 17.69 28.94 -0.88
N ILE A 224 16.46 28.61 -0.41
CA ILE A 224 16.23 27.53 0.53
C ILE A 224 15.74 26.30 -0.23
N VAL A 225 14.62 26.42 -0.92
CA VAL A 225 14.06 25.32 -1.69
C VAL A 225 14.26 25.54 -3.19
N HIS A 226 14.82 24.52 -3.88
CA HIS A 226 15.24 24.57 -5.28
C HIS A 226 14.42 23.71 -6.25
N MET A 227 13.47 22.89 -5.72
CA MET A 227 12.55 22.08 -6.52
C MET A 227 11.72 22.96 -7.46
N GLN A 228 11.28 22.41 -8.61
CA GLN A 228 10.48 23.15 -9.58
C GLN A 228 9.10 23.51 -9.01
N ALA A 229 8.74 24.78 -9.21
CA ALA A 229 7.47 25.34 -8.78
C ALA A 229 6.53 25.19 -9.96
N ALA A 230 5.28 24.81 -9.66
CA ALA A 230 4.29 24.61 -10.68
C ALA A 230 3.54 25.92 -10.96
N PRO A 231 2.96 26.10 -12.15
CA PRO A 231 2.28 27.38 -12.45
C PRO A 231 0.97 27.58 -11.68
N LYS A 232 0.80 28.80 -11.12
CA LYS A 232 -0.36 29.19 -10.31
C LYS A 232 -1.69 29.18 -11.06
N GLU A 233 -1.67 29.54 -12.35
CA GLU A 233 -2.85 29.61 -13.21
C GLU A 233 -3.46 28.23 -13.36
N GLU A 234 -2.63 27.22 -13.72
CA GLU A 234 -3.07 25.83 -13.89
C GLU A 234 -3.47 25.22 -12.54
N CYS A 235 -2.73 25.57 -11.48
CA CYS A 235 -3.02 25.12 -10.11
C CYS A 235 -4.44 25.51 -9.73
N ALA A 236 -4.78 26.81 -9.94
CA ALA A 236 -6.07 27.38 -9.64
C ALA A 236 -7.20 26.68 -10.38
N LEU A 237 -6.96 26.33 -11.67
CA LEU A 237 -7.94 25.62 -12.49
C LEU A 237 -8.18 24.19 -11.97
N GLU A 238 -7.12 23.48 -11.62
CA GLU A 238 -7.19 22.12 -11.08
C GLU A 238 -7.98 22.03 -9.77
N ILE A 239 -7.89 23.09 -8.94
CA ILE A 239 -8.64 23.21 -7.69
C ILE A 239 -10.13 23.33 -8.02
N ILE A 240 -10.48 24.25 -8.93
CA ILE A 240 -11.86 24.48 -9.38
C ILE A 240 -12.45 23.22 -9.98
N LYS A 241 -11.69 22.53 -10.85
CA LYS A 241 -12.10 21.28 -11.49
C LYS A 241 -12.49 20.22 -10.46
N GLY A 242 -11.61 20.03 -9.47
CA GLY A 242 -11.81 19.08 -8.38
C GLY A 242 -13.08 19.30 -7.59
N GLY A 243 -13.37 20.56 -7.28
CA GLY A 243 -14.59 20.95 -6.58
C GLY A 243 -15.84 20.74 -7.44
N ALA A 244 -15.76 21.17 -8.72
CA ALA A 244 -16.86 21.00 -9.68
C ALA A 244 -17.22 19.51 -9.88
N LEU A 245 -16.19 18.63 -9.94
CA LEU A 245 -16.35 17.18 -10.09
C LEU A 245 -16.65 16.48 -8.77
N ARG A 246 -16.67 17.22 -7.64
CA ARG A 246 -16.98 16.70 -6.31
C ARG A 246 -15.97 15.61 -5.85
N GLN A 247 -14.71 15.75 -6.29
CA GLN A 247 -13.62 14.84 -5.95
C GLN A 247 -13.28 15.05 -4.48
N GLU A 248 -12.91 13.98 -3.79
CA GLU A 248 -12.55 14.03 -2.40
C GLU A 248 -11.18 14.68 -2.23
N GLU A 249 -10.24 14.33 -3.11
CA GLU A 249 -8.88 14.85 -3.07
C GLU A 249 -8.36 15.24 -4.46
N VAL A 250 -7.59 16.33 -4.51
CA VAL A 250 -6.92 16.83 -5.73
C VAL A 250 -5.44 16.86 -5.40
N TYR A 251 -4.62 16.38 -6.33
CA TYR A 251 -3.16 16.37 -6.20
C TYR A 251 -2.55 17.17 -7.33
N TYR A 252 -1.82 18.23 -6.99
CA TYR A 252 -1.20 19.05 -8.00
C TYR A 252 0.24 19.40 -7.60
N ASP A 253 1.18 18.88 -8.40
CA ASP A 253 2.62 19.03 -8.16
C ASP A 253 3.40 18.88 -9.48
N SER A 254 4.59 19.51 -9.56
CA SER A 254 5.50 19.46 -10.70
C SER A 254 6.05 18.06 -10.97
N SER A 255 6.35 17.29 -9.90
CA SER A 255 6.95 15.95 -9.95
C SER A 255 5.98 14.85 -10.25
N ARG A 256 6.37 13.95 -11.17
CA ARG A 256 5.56 12.78 -11.53
C ARG A 256 5.71 11.68 -10.46
N TRP A 257 6.81 11.73 -9.68
CA TRP A 257 7.04 10.80 -8.58
C TRP A 257 6.11 11.09 -7.37
N THR A 258 5.67 12.35 -7.21
CA THR A 258 4.69 12.77 -6.20
C THR A 258 3.35 12.12 -6.49
N THR A 259 2.87 12.28 -7.74
CA THR A 259 1.61 11.71 -8.21
C THR A 259 1.57 10.18 -8.05
N LEU A 260 2.70 9.52 -8.31
CA LEU A 260 2.85 8.08 -8.14
C LEU A 260 2.83 7.65 -6.65
N LEU A 261 3.28 8.53 -5.73
CA LEU A 261 3.39 8.18 -4.32
C LEU A 261 2.45 8.80 -3.27
N ILE A 262 1.87 10.01 -3.48
CA ILE A 262 1.03 10.66 -2.43
C ILE A 262 -0.17 9.92 -1.95
N ARG A 263 -0.85 9.23 -2.87
CA ARG A 263 -2.07 8.52 -2.56
C ARG A 263 -1.80 7.46 -1.50
N ASN A 264 -2.75 7.33 -0.58
CA ASN A 264 -2.70 6.37 0.50
C ASN A 264 -3.89 5.40 0.34
N PRO A 265 -3.76 4.39 -0.57
CA PRO A 265 -4.87 3.42 -0.73
C PRO A 265 -5.16 2.62 0.55
N CYS A 266 -4.12 2.37 1.36
CA CYS A 266 -4.25 1.67 2.66
C CYS A 266 -5.13 2.40 3.64
N ARG A 267 -5.06 3.75 3.66
CA ARG A 267 -5.91 4.58 4.52
C ARG A 267 -7.37 4.39 4.10
N LYS A 268 -7.65 4.41 2.77
CA LYS A 268 -8.98 4.19 2.19
C LYS A 268 -9.54 2.81 2.59
N ILE A 269 -8.70 1.75 2.47
CA ILE A 269 -9.06 0.38 2.86
C ILE A 269 -9.38 0.31 4.36
N LEU A 270 -8.49 0.84 5.24
CA LEU A 270 -8.67 0.84 6.68
C LEU A 270 -9.91 1.53 7.11
N GLU A 271 -10.21 2.69 6.50
CA GLU A 271 -11.42 3.46 6.80
C GLU A 271 -12.68 2.65 6.50
N GLU A 272 -12.63 1.87 5.41
CA GLU A 272 -13.71 0.97 4.98
C GLU A 272 -13.85 -0.18 6.02
N LEU A 273 -12.72 -0.82 6.42
CA LEU A 273 -12.67 -1.88 7.43
C LEU A 273 -13.19 -1.42 8.81
N TYR A 274 -12.82 -0.20 9.23
CA TYR A 274 -13.29 0.36 10.50
C TYR A 274 -14.74 0.82 10.45
N SER A 275 -15.29 1.20 9.28
CA SER A 275 -16.72 1.59 9.20
C SER A 275 -17.67 0.43 9.54
N THR A 276 -17.22 -0.82 9.38
CA THR A 276 -18.07 -1.96 9.76
C THR A 276 -18.20 -2.09 11.29
N SER A 277 -17.41 -1.31 12.07
CA SER A 277 -17.30 -1.37 13.53
C SER A 277 -18.14 -0.40 14.32
N TYR A 278 -18.66 0.65 13.68
CA TYR A 278 -19.51 1.62 14.37
C TYR A 278 -20.92 1.71 13.80
N ASN A 279 -21.85 2.19 14.64
CA ASN A 279 -23.25 2.39 14.32
C ASN A 279 -23.62 3.84 14.66
N MET A 280 -23.84 4.67 13.64
CA MET A 280 -24.21 6.09 13.78
C MET A 280 -25.70 6.37 13.85
N ASP A 281 -26.54 5.35 13.57
CA ASP A 281 -28.00 5.55 13.59
C ASP A 281 -28.54 5.59 15.00
N ARG A 282 -28.35 6.77 15.62
CA ARG A 282 -28.71 7.21 16.96
C ARG A 282 -28.52 8.71 16.97
N PHE A 283 -27.62 9.20 16.10
CA PHE A 283 -27.31 10.60 15.84
C PHE A 283 -28.07 11.09 14.61
N ILE A 284 -28.44 10.15 13.71
CA ILE A 284 -29.15 10.44 12.47
C ILE A 284 -30.25 9.43 12.19
N ASN A 285 -31.50 9.88 12.34
CA ASN A 285 -32.69 9.05 12.12
C ASN A 285 -33.83 9.88 11.53
N MET B 4 27.41 4.19 46.61
CA MET B 4 27.76 3.25 45.55
C MET B 4 27.55 3.84 44.14
N ALA B 5 26.50 4.66 43.95
CA ALA B 5 26.19 5.31 42.67
C ALA B 5 27.36 6.21 42.19
N SER B 6 28.12 6.79 43.15
CA SER B 6 29.30 7.63 42.90
C SER B 6 30.46 6.80 42.31
N MET B 7 30.51 5.52 42.69
CA MET B 7 31.54 4.54 42.28
C MET B 7 31.05 3.68 41.09
N THR B 8 29.80 3.93 40.62
CA THR B 8 29.17 3.22 39.51
C THR B 8 29.15 4.09 38.27
N GLY B 9 29.30 3.46 37.13
CA GLY B 9 29.25 4.12 35.83
C GLY B 9 29.04 3.12 34.73
N GLY B 10 28.67 3.60 33.55
CA GLY B 10 28.49 2.75 32.39
C GLY B 10 27.27 3.09 31.56
N GLN B 11 26.86 2.16 30.69
CA GLN B 11 25.76 2.39 29.78
C GLN B 11 24.89 1.17 29.57
N GLN B 12 23.56 1.39 29.60
CA GLN B 12 22.55 0.36 29.32
C GLN B 12 22.41 0.10 27.80
N MET B 13 22.64 1.14 27.00
CA MET B 13 22.40 1.17 25.57
C MET B 13 23.54 0.70 24.66
N GLY B 14 23.86 -0.60 24.71
CA GLY B 14 24.89 -1.20 23.87
C GLY B 14 24.30 -1.95 22.69
N ARG B 15 25.04 -2.94 22.12
CA ARG B 15 24.58 -3.76 20.98
C ARG B 15 23.24 -4.39 21.23
N GLY B 16 22.27 -4.09 20.35
CA GLY B 16 20.92 -4.62 20.44
C GLY B 16 19.91 -3.72 21.12
N SER B 17 20.37 -2.62 21.76
CA SER B 17 19.48 -1.65 22.45
C SER B 17 18.66 -0.85 21.43
N ASN B 18 18.94 -1.13 20.15
CA ASN B 18 18.27 -0.78 18.92
C ASN B 18 18.17 -2.16 18.13
N GLU B 19 17.14 -3.01 18.44
CA GLU B 19 16.07 -2.67 19.36
C GLU B 19 15.36 -3.81 20.14
N GLU B 20 15.97 -4.28 21.26
CA GLU B 20 15.36 -5.23 22.20
C GLU B 20 15.21 -4.51 23.55
N PHE B 21 13.98 -4.22 23.97
CA PHE B 21 13.72 -3.49 25.21
C PHE B 21 14.03 -4.30 26.47
N ARG B 22 14.54 -3.60 27.51
CA ARG B 22 14.76 -4.15 28.84
C ARG B 22 14.25 -3.12 29.82
N PRO B 23 13.50 -3.53 30.88
CA PRO B 23 12.99 -2.53 31.84
C PRO B 23 14.06 -1.65 32.49
N GLU B 24 15.30 -2.15 32.53
CA GLU B 24 16.47 -1.48 33.11
C GLU B 24 16.89 -0.22 32.34
N MET B 25 16.37 -0.05 31.09
CA MET B 25 16.61 1.16 30.29
C MET B 25 15.96 2.41 30.93
N LEU B 26 14.95 2.20 31.78
CA LEU B 26 14.25 3.28 32.49
C LEU B 26 14.71 3.49 33.93
N GLN B 27 15.58 2.60 34.46
CA GLN B 27 16.11 2.69 35.82
C GLN B 27 16.86 4.02 36.02
N GLY B 28 16.38 4.84 36.94
CA GLY B 28 16.97 6.13 37.26
C GLY B 28 16.67 7.25 36.28
N LYS B 29 15.82 6.96 35.26
CA LYS B 29 15.43 7.98 34.27
C LYS B 29 14.44 8.94 34.85
N LYS B 30 14.57 10.22 34.46
CA LYS B 30 13.72 11.31 34.94
C LYS B 30 12.63 11.53 33.89
N VAL B 31 11.39 11.11 34.23
CA VAL B 31 10.24 11.08 33.34
C VAL B 31 9.06 11.94 33.81
N ILE B 32 8.50 12.73 32.87
CA ILE B 32 7.25 13.46 33.05
C ILE B 32 6.15 12.64 32.34
N VAL B 33 4.97 12.47 33.00
CA VAL B 33 3.81 11.82 32.41
C VAL B 33 2.63 12.78 32.60
N THR B 34 2.04 13.27 31.50
CA THR B 34 0.86 14.14 31.58
C THR B 34 -0.37 13.26 31.51
N GLY B 35 -1.51 13.77 31.97
CA GLY B 35 -2.76 13.02 32.04
C GLY B 35 -2.57 11.68 32.71
N ALA B 36 -1.85 11.68 33.86
CA ALA B 36 -1.44 10.47 34.56
C ALA B 36 -2.24 10.07 35.82
N SER B 37 -3.39 10.72 36.06
CA SER B 37 -4.25 10.38 37.20
C SER B 37 -5.15 9.18 36.88
N LYS B 38 -5.36 8.89 35.59
CA LYS B 38 -6.19 7.77 35.15
C LYS B 38 -5.77 7.26 33.78
N GLY B 39 -6.41 6.17 33.34
CA GLY B 39 -6.23 5.55 32.05
C GLY B 39 -4.82 5.10 31.73
N ILE B 40 -4.43 5.32 30.48
CA ILE B 40 -3.11 4.97 29.94
C ILE B 40 -1.98 5.70 30.69
N GLY B 41 -2.15 7.00 30.96
CA GLY B 41 -1.18 7.80 31.69
C GLY B 41 -0.83 7.22 33.04
N ARG B 42 -1.86 6.80 33.82
CA ARG B 42 -1.67 6.16 35.13
C ARG B 42 -0.91 4.83 34.97
N GLU B 43 -1.28 4.02 33.96
CA GLU B 43 -0.61 2.77 33.65
C GLU B 43 0.86 2.98 33.31
N MET B 44 1.19 4.08 32.59
CA MET B 44 2.59 4.42 32.26
C MET B 44 3.38 4.78 33.50
N ALA B 45 2.77 5.58 34.38
CA ALA B 45 3.38 5.97 35.66
C ALA B 45 3.75 4.69 36.48
N TYR B 46 2.84 3.71 36.54
CA TYR B 46 3.00 2.44 37.26
C TYR B 46 4.12 1.58 36.68
N HIS B 47 4.17 1.46 35.34
CA HIS B 47 5.25 0.72 34.68
C HIS B 47 6.61 1.38 34.99
N LEU B 48 6.70 2.71 34.89
CA LEU B 48 7.92 3.47 35.16
C LEU B 48 8.37 3.32 36.62
N ALA B 49 7.40 3.29 37.54
CA ALA B 49 7.62 3.10 38.97
C ALA B 49 8.34 1.76 39.18
N LYS B 50 7.76 0.67 38.62
CA LYS B 50 8.29 -0.70 38.69
C LYS B 50 9.71 -0.79 38.13
N MET B 51 9.98 -0.01 37.06
CA MET B 51 11.29 0.07 36.39
C MET B 51 12.33 0.87 37.17
N GLY B 52 11.92 1.54 38.22
CA GLY B 52 12.79 2.32 39.07
C GLY B 52 13.11 3.70 38.55
N ALA B 53 12.20 4.28 37.74
CA ALA B 53 12.40 5.62 37.19
C ALA B 53 11.98 6.66 38.22
N HIS B 54 12.45 7.90 38.03
CA HIS B 54 12.03 9.07 38.78
C HIS B 54 10.82 9.55 37.99
N VAL B 55 9.72 9.82 38.67
CA VAL B 55 8.49 10.19 37.99
C VAL B 55 7.85 11.47 38.52
N VAL B 56 7.35 12.32 37.60
CA VAL B 56 6.55 13.50 37.91
C VAL B 56 5.29 13.39 37.07
N VAL B 57 4.17 13.24 37.75
CA VAL B 57 2.86 13.08 37.12
C VAL B 57 2.02 14.34 37.22
N THR B 58 1.18 14.58 36.18
CA THR B 58 0.27 15.72 36.15
C THR B 58 -1.12 15.35 35.64
N ALA B 59 -2.11 16.18 36.04
CA ALA B 59 -3.54 16.15 35.69
C ALA B 59 -4.19 17.26 36.54
N ARG B 60 -5.49 17.49 36.44
CA ARG B 60 -6.10 18.56 37.23
C ARG B 60 -6.38 18.17 38.69
N SER B 61 -6.72 16.89 38.94
CA SER B 61 -7.11 16.38 40.25
C SER B 61 -5.95 15.98 41.16
N LYS B 62 -5.67 16.81 42.18
CA LYS B 62 -4.62 16.56 43.15
C LYS B 62 -4.86 15.28 43.98
N GLU B 63 -6.13 14.98 44.29
CA GLU B 63 -6.53 13.80 45.08
C GLU B 63 -6.25 12.50 44.36
N THR B 64 -6.56 12.42 43.05
CA THR B 64 -6.29 11.24 42.24
C THR B 64 -4.79 11.14 41.93
N LEU B 65 -4.10 12.30 41.73
CA LEU B 65 -2.65 12.32 41.51
C LEU B 65 -1.90 11.80 42.74
N GLN B 66 -2.39 12.16 43.95
CA GLN B 66 -1.82 11.72 45.24
C GLN B 66 -1.80 10.19 45.34
N LYS B 67 -2.92 9.54 44.93
CA LYS B 67 -3.08 8.08 44.93
C LYS B 67 -2.09 7.40 43.99
N VAL B 68 -1.86 7.98 42.79
CA VAL B 68 -0.92 7.49 41.77
C VAL B 68 0.51 7.58 42.33
N VAL B 69 0.88 8.74 42.87
CA VAL B 69 2.21 8.97 43.46
C VAL B 69 2.49 7.94 44.57
N SER B 70 1.55 7.81 45.53
CA SER B 70 1.65 6.85 46.64
C SER B 70 1.85 5.42 46.12
N HIS B 71 1.04 4.99 45.13
CA HIS B 71 1.21 3.67 44.54
C HIS B 71 2.54 3.51 43.76
N CYS B 72 3.01 4.59 43.09
CA CYS B 72 4.30 4.60 42.36
C CYS B 72 5.45 4.31 43.34
N LEU B 73 5.42 4.96 44.51
CA LEU B 73 6.43 4.76 45.57
C LEU B 73 6.43 3.30 46.07
N GLU B 74 5.25 2.68 46.22
CA GLU B 74 5.06 1.29 46.63
C GLU B 74 5.64 0.35 45.58
N LEU B 75 5.40 0.67 44.28
CA LEU B 75 5.87 -0.15 43.16
C LEU B 75 7.40 -0.14 42.97
N GLY B 76 8.08 0.85 43.57
CA GLY B 76 9.54 0.93 43.48
C GLY B 76 10.12 2.10 42.72
N ALA B 77 9.36 3.20 42.57
CA ALA B 77 9.84 4.41 41.89
C ALA B 77 11.02 4.99 42.66
N ALA B 78 12.07 5.48 41.94
CA ALA B 78 13.25 6.12 42.54
C ALA B 78 12.78 7.35 43.32
N SER B 79 11.76 8.03 42.79
CA SER B 79 11.05 9.16 43.40
C SER B 79 9.76 9.38 42.63
N ALA B 80 8.75 9.94 43.29
CA ALA B 80 7.47 10.20 42.67
C ALA B 80 6.86 11.46 43.25
N HIS B 81 6.44 12.36 42.35
CA HIS B 81 5.81 13.63 42.69
C HIS B 81 4.67 13.92 41.73
N TYR B 82 3.79 14.83 42.12
CA TYR B 82 2.72 15.33 41.28
C TYR B 82 2.68 16.84 41.38
N ILE B 83 2.18 17.49 40.34
CA ILE B 83 1.89 18.92 40.28
C ILE B 83 0.55 18.96 39.56
N ALA B 84 -0.48 19.48 40.22
CA ALA B 84 -1.84 19.55 39.67
C ALA B 84 -2.06 20.86 38.94
N GLY B 85 -2.77 20.79 37.83
CA GLY B 85 -3.12 21.95 37.04
C GLY B 85 -3.79 21.62 35.73
N THR B 86 -4.36 22.66 35.09
CA THR B 86 -5.01 22.51 33.79
C THR B 86 -4.10 22.84 32.63
N MET B 87 -4.11 21.97 31.61
CA MET B 87 -3.35 22.15 30.39
C MET B 87 -4.00 23.15 29.41
N GLU B 88 -5.16 23.73 29.83
CA GLU B 88 -5.84 24.83 29.14
C GLU B 88 -5.01 26.12 29.37
N ASP B 89 -4.29 26.15 30.51
CA ASP B 89 -3.46 27.26 30.96
C ASP B 89 -2.03 27.04 30.51
N MET B 90 -1.63 27.77 29.46
CA MET B 90 -0.29 27.71 28.84
C MET B 90 0.84 28.13 29.78
N THR B 91 0.53 29.02 30.75
CA THR B 91 1.50 29.47 31.78
C THR B 91 1.78 28.29 32.70
N PHE B 92 0.70 27.57 33.14
CA PHE B 92 0.83 26.37 33.97
C PHE B 92 1.68 25.33 33.23
N ALA B 93 1.37 25.03 31.95
CA ALA B 93 2.12 24.06 31.14
C ALA B 93 3.62 24.37 31.15
N GLU B 94 3.97 25.65 30.87
CA GLU B 94 5.35 26.14 30.86
C GLU B 94 6.04 26.02 32.25
N GLN B 95 5.37 26.48 33.32
CA GLN B 95 5.94 26.45 34.67
C GLN B 95 6.03 25.05 35.23
N PHE B 96 5.07 24.16 34.86
CA PHE B 96 5.05 22.76 35.30
C PHE B 96 6.36 22.05 34.95
N VAL B 97 6.86 22.25 33.72
CA VAL B 97 8.09 21.60 33.26
C VAL B 97 9.31 22.06 34.08
N ALA B 98 9.44 23.38 34.33
CA ALA B 98 10.53 23.95 35.14
C ALA B 98 10.49 23.33 36.54
N GLN B 99 9.27 23.27 37.15
CA GLN B 99 9.03 22.70 38.48
C GLN B 99 9.30 21.19 38.52
N ALA B 100 8.90 20.44 37.48
CA ALA B 100 9.14 18.99 37.39
C ALA B 100 10.65 18.70 37.26
N GLY B 101 11.34 19.46 36.42
CA GLY B 101 12.78 19.32 36.21
C GLY B 101 13.55 19.60 37.48
N LYS B 102 13.13 20.63 38.25
CA LYS B 102 13.74 21.02 39.51
C LYS B 102 13.58 19.91 40.56
N LEU B 103 12.40 19.26 40.61
CA LEU B 103 12.14 18.14 41.52
C LEU B 103 13.00 16.91 41.24
N MET B 104 13.29 16.64 39.96
CA MET B 104 14.09 15.46 39.57
C MET B 104 15.58 15.74 39.30
N GLY B 105 15.95 17.00 39.14
CA GLY B 105 17.32 17.38 38.79
C GLY B 105 17.61 17.13 37.32
N GLY B 106 16.62 17.41 36.46
CA GLY B 106 16.73 17.17 35.03
C GLY B 106 15.54 16.44 34.43
N LEU B 107 15.67 16.02 33.16
CA LEU B 107 14.61 15.36 32.40
C LEU B 107 15.18 14.50 31.29
N ASP B 108 14.74 13.24 31.23
CA ASP B 108 15.17 12.28 30.22
C ASP B 108 14.06 11.98 29.23
N MET B 109 12.81 11.97 29.68
CA MET B 109 11.67 11.63 28.84
C MET B 109 10.46 12.45 29.18
N LEU B 110 9.84 13.04 28.15
CA LEU B 110 8.63 13.85 28.28
C LEU B 110 7.50 13.09 27.61
N ILE B 111 6.55 12.57 28.44
CA ILE B 111 5.42 11.80 27.90
C ILE B 111 4.17 12.67 27.87
N LEU B 112 3.77 13.06 26.64
CA LEU B 112 2.62 13.94 26.40
C LEU B 112 1.41 13.07 26.07
N ASN B 113 0.49 12.96 27.03
CA ASN B 113 -0.64 12.03 26.99
C ASN B 113 -2.02 12.63 27.21
N HIS B 114 -2.13 13.71 28.02
CA HIS B 114 -3.42 14.34 28.34
C HIS B 114 -4.20 14.82 27.09
N ILE B 115 -5.52 14.91 27.23
CA ILE B 115 -6.46 15.41 26.21
C ILE B 115 -7.58 16.10 26.97
N THR B 116 -8.37 16.91 26.28
CA THR B 116 -9.56 17.54 26.86
C THR B 116 -10.68 16.51 26.81
N ASN B 117 -11.64 16.56 27.77
CA ASN B 117 -12.78 15.62 27.81
C ASN B 117 -13.57 15.66 26.50
N THR B 118 -13.74 14.51 25.87
CA THR B 118 -14.43 14.45 24.57
C THR B 118 -15.41 13.31 24.45
N SER B 119 -16.59 13.60 23.90
CA SER B 119 -17.60 12.58 23.70
C SER B 119 -17.81 12.40 22.20
N LEU B 120 -18.47 11.31 21.79
CA LEU B 120 -18.68 11.11 20.36
C LEU B 120 -19.96 11.81 19.97
N ASN B 121 -19.88 12.64 18.92
CA ASN B 121 -21.03 13.42 18.43
C ASN B 121 -20.72 13.89 17.04
N LEU B 122 -21.76 14.17 16.24
CA LEU B 122 -21.58 14.68 14.90
C LEU B 122 -21.18 16.13 15.05
N PHE B 123 -20.31 16.64 14.15
CA PHE B 123 -19.94 18.01 14.22
C PHE B 123 -21.06 18.88 13.63
N HIS B 124 -21.51 19.89 14.40
CA HIS B 124 -22.50 20.83 13.89
C HIS B 124 -22.02 22.27 14.02
N ASP B 125 -21.94 22.80 15.25
CA ASP B 125 -21.51 24.19 15.41
C ASP B 125 -20.69 24.42 16.68
N ASP B 126 -20.18 23.36 17.30
CA ASP B 126 -19.39 23.51 18.53
C ASP B 126 -17.93 23.93 18.26
N ILE B 127 -17.73 25.21 17.89
CA ILE B 127 -16.43 25.84 17.61
C ILE B 127 -15.58 25.86 18.90
N HIS B 128 -16.26 26.07 20.07
CA HIS B 128 -15.60 26.10 21.38
C HIS B 128 -14.87 24.79 21.65
N HIS B 129 -15.47 23.65 21.29
CA HIS B 129 -14.84 22.34 21.45
C HIS B 129 -13.67 22.14 20.45
N VAL B 130 -13.81 22.63 19.20
CA VAL B 130 -12.75 22.53 18.19
C VAL B 130 -11.49 23.30 18.68
N ARG B 131 -11.68 24.55 19.17
CA ARG B 131 -10.60 25.40 19.71
C ARG B 131 -9.97 24.77 20.97
N LYS B 132 -10.79 24.31 21.94
CA LYS B 132 -10.31 23.69 23.19
C LYS B 132 -9.50 22.44 22.90
N SER B 133 -10.01 21.60 21.97
CA SER B 133 -9.33 20.41 21.46
C SER B 133 -7.94 20.79 20.91
N MET B 134 -7.86 21.85 20.09
CA MET B 134 -6.58 22.30 19.53
C MET B 134 -5.64 22.85 20.62
N GLU B 135 -6.20 23.61 21.57
CA GLU B 135 -5.44 24.21 22.67
C GLU B 135 -4.85 23.16 23.61
N VAL B 136 -5.69 22.27 24.14
CA VAL B 136 -5.32 21.23 25.11
C VAL B 136 -4.57 20.08 24.47
N ASN B 137 -5.14 19.46 23.41
CA ASN B 137 -4.53 18.27 22.80
C ASN B 137 -3.30 18.56 21.94
N PHE B 138 -3.16 19.79 21.43
CA PHE B 138 -2.06 20.13 20.53
C PHE B 138 -1.14 21.24 21.02
N LEU B 139 -1.67 22.46 21.16
CA LEU B 139 -0.88 23.64 21.57
C LEU B 139 -0.12 23.47 22.88
N SER B 140 -0.77 22.86 23.91
CA SER B 140 -0.07 22.61 25.19
C SER B 140 1.11 21.64 25.03
N TYR B 141 1.01 20.66 24.10
CA TYR B 141 2.10 19.71 23.80
C TYR B 141 3.31 20.47 23.27
N VAL B 142 3.07 21.49 22.42
CA VAL B 142 4.09 22.38 21.85
C VAL B 142 4.71 23.24 22.97
N VAL B 143 3.89 23.83 23.85
CA VAL B 143 4.34 24.66 24.98
C VAL B 143 5.21 23.79 25.93
N LEU B 144 4.75 22.57 26.26
CA LEU B 144 5.48 21.63 27.09
C LEU B 144 6.84 21.25 26.47
N THR B 145 6.88 21.02 25.13
CA THR B 145 8.09 20.68 24.37
C THR B 145 9.11 21.84 24.43
N VAL B 146 8.66 23.09 24.20
CA VAL B 146 9.51 24.30 24.26
C VAL B 146 10.18 24.41 25.63
N ALA B 147 9.39 24.27 26.71
CA ALA B 147 9.86 24.35 28.09
C ALA B 147 10.81 23.22 28.45
N ALA B 148 10.58 22.02 27.89
CA ALA B 148 11.38 20.81 28.19
C ALA B 148 12.66 20.63 27.38
N LEU B 149 12.71 21.21 26.16
CA LEU B 149 13.83 21.03 25.26
C LEU B 149 15.26 21.27 25.81
N PRO B 150 15.57 22.40 26.52
CA PRO B 150 16.94 22.57 27.06
C PRO B 150 17.40 21.40 27.94
N MET B 151 16.52 20.87 28.84
CA MET B 151 16.82 19.70 29.68
C MET B 151 16.97 18.42 28.87
N LEU B 152 16.11 18.25 27.85
CA LEU B 152 16.17 17.08 26.96
C LEU B 152 17.41 17.08 26.09
N LYS B 153 17.88 18.28 25.68
CA LYS B 153 19.10 18.43 24.88
C LYS B 153 20.30 18.02 25.74
N GLN B 154 20.30 18.44 27.01
CA GLN B 154 21.34 18.13 28.01
C GLN B 154 21.45 16.63 28.25
N SER B 155 20.33 15.91 28.32
CA SER B 155 20.31 14.46 28.55
C SER B 155 20.23 13.59 27.28
N ASN B 156 20.11 14.21 26.07
CA ASN B 156 19.89 13.50 24.80
C ASN B 156 18.60 12.66 24.95
N GLY B 157 17.59 13.30 25.51
CA GLY B 157 16.33 12.70 25.88
C GLY B 157 15.35 12.37 24.78
N SER B 158 14.10 12.20 25.21
CA SER B 158 13.03 11.76 24.35
C SER B 158 11.73 12.47 24.60
N ILE B 159 10.99 12.71 23.51
CA ILE B 159 9.63 13.25 23.53
C ILE B 159 8.73 12.14 23.04
N VAL B 160 7.70 11.79 23.83
CA VAL B 160 6.75 10.76 23.49
C VAL B 160 5.39 11.42 23.35
N VAL B 161 4.81 11.35 22.13
CA VAL B 161 3.54 11.97 21.82
C VAL B 161 2.48 10.89 21.65
N VAL B 162 1.46 10.93 22.52
CA VAL B 162 0.38 9.96 22.45
C VAL B 162 -0.72 10.46 21.51
N SER B 163 -0.90 9.73 20.39
CA SER B 163 -1.89 10.05 19.38
C SER B 163 -2.90 8.91 19.26
N SER B 164 -3.56 8.78 18.11
CA SER B 164 -4.60 7.79 17.88
C SER B 164 -4.60 7.38 16.42
N LEU B 165 -5.32 6.28 16.08
CA LEU B 165 -5.55 5.89 14.69
C LEU B 165 -6.34 7.02 14.00
N ALA B 166 -7.18 7.76 14.78
CA ALA B 166 -7.94 8.93 14.32
C ALA B 166 -6.99 10.13 14.04
N GLY B 167 -5.70 9.96 14.31
CA GLY B 167 -4.64 10.90 14.00
C GLY B 167 -3.84 10.48 12.78
N LYS B 168 -4.29 9.39 12.07
CA LYS B 168 -3.67 8.82 10.86
C LYS B 168 -4.71 8.60 9.75
N VAL B 169 -5.95 8.29 10.14
CA VAL B 169 -7.09 8.06 9.24
C VAL B 169 -8.29 8.89 9.78
N ALA B 170 -9.27 9.15 8.92
CA ALA B 170 -10.48 9.88 9.31
C ALA B 170 -11.41 8.94 10.02
N TYR B 171 -12.12 9.47 11.01
CA TYR B 171 -13.07 8.71 11.79
C TYR B 171 -14.23 9.62 12.11
N PRO B 172 -15.50 9.22 11.88
CA PRO B 172 -16.61 10.13 12.21
C PRO B 172 -16.83 10.24 13.72
N MET B 173 -17.50 11.33 14.15
CA MET B 173 -17.94 11.62 15.52
C MET B 173 -16.84 12.17 16.42
N VAL B 174 -15.61 12.28 15.90
CA VAL B 174 -14.41 12.76 16.63
C VAL B 174 -13.63 13.74 15.78
N ALA B 175 -14.31 14.57 14.97
CA ALA B 175 -13.69 15.51 14.05
C ALA B 175 -12.69 16.47 14.67
N ALA B 176 -13.07 17.17 15.77
CA ALA B 176 -12.19 18.13 16.49
C ALA B 176 -10.97 17.40 17.08
N TYR B 177 -11.22 16.24 17.69
CA TYR B 177 -10.21 15.37 18.29
C TYR B 177 -9.22 14.85 17.21
N SER B 178 -9.74 14.38 16.08
CA SER B 178 -8.97 13.89 14.94
C SER B 178 -8.08 15.02 14.38
N ALA B 179 -8.65 16.22 14.23
CA ALA B 179 -7.93 17.41 13.78
C ALA B 179 -6.73 17.69 14.70
N SER B 180 -6.94 17.62 16.01
CA SER B 180 -5.86 17.83 16.98
C SER B 180 -4.76 16.76 16.92
N LYS B 181 -5.14 15.50 16.64
CA LYS B 181 -4.21 14.37 16.55
C LYS B 181 -3.44 14.40 15.25
N PHE B 182 -4.09 14.80 14.14
CA PHE B 182 -3.42 14.98 12.84
C PHE B 182 -2.40 16.12 12.98
N ALA B 183 -2.78 17.25 13.64
CA ALA B 183 -1.87 18.38 13.91
C ALA B 183 -0.59 17.93 14.64
N LEU B 184 -0.71 17.01 15.61
CA LEU B 184 0.44 16.46 16.31
C LEU B 184 1.43 15.79 15.35
N ASP B 185 0.91 15.01 14.39
CA ASP B 185 1.73 14.33 13.38
C ASP B 185 2.50 15.36 12.53
N GLY B 186 1.79 16.32 11.94
CA GLY B 186 2.39 17.38 11.13
C GLY B 186 3.45 18.16 11.86
N PHE B 187 3.15 18.59 13.09
CA PHE B 187 4.09 19.37 13.87
C PHE B 187 5.33 18.60 14.27
N PHE B 188 5.14 17.51 15.02
CA PHE B 188 6.23 16.68 15.53
C PHE B 188 7.05 15.97 14.49
N SER B 189 6.45 15.55 13.38
CA SER B 189 7.20 14.90 12.30
C SER B 189 8.07 15.91 11.52
N SER B 190 7.61 17.16 11.44
CA SER B 190 8.36 18.24 10.79
C SER B 190 9.56 18.70 11.63
N ILE B 191 9.37 18.91 12.95
CA ILE B 191 10.46 19.28 13.87
C ILE B 191 11.47 18.11 13.98
N ARG B 192 11.01 16.82 13.86
CA ARG B 192 11.92 15.68 13.87
C ARG B 192 12.96 15.82 12.73
N LYS B 193 12.51 16.25 11.53
CA LYS B 193 13.41 16.45 10.37
C LYS B 193 14.36 17.60 10.69
N GLU B 194 13.84 18.68 11.30
CA GLU B 194 14.63 19.83 11.74
C GLU B 194 15.72 19.44 12.75
N TYR B 195 15.36 18.60 13.75
CA TYR B 195 16.29 18.12 14.78
C TYR B 195 17.42 17.27 14.17
N SER B 196 17.08 16.45 13.17
CA SER B 196 17.99 15.57 12.45
C SER B 196 19.09 16.39 11.79
N VAL B 197 18.73 17.48 11.08
CA VAL B 197 19.71 18.32 10.39
C VAL B 197 20.45 19.27 11.35
N SER B 198 19.79 19.69 12.46
CA SER B 198 20.31 20.61 13.47
C SER B 198 21.19 19.90 14.48
N ARG B 199 21.21 18.55 14.41
CA ARG B 199 21.93 17.69 15.34
C ARG B 199 21.44 17.86 16.80
N VAL B 200 20.10 17.92 16.96
CA VAL B 200 19.42 17.99 18.26
C VAL B 200 19.10 16.52 18.55
N ASN B 201 19.88 15.89 19.45
CA ASN B 201 19.76 14.46 19.76
C ASN B 201 18.62 14.14 20.74
N VAL B 202 17.41 14.58 20.38
CA VAL B 202 16.18 14.39 21.12
C VAL B 202 15.25 13.60 20.19
N SER B 203 14.96 12.35 20.56
CA SER B 203 14.07 11.49 19.76
C SER B 203 12.60 11.92 19.95
N ILE B 204 11.76 11.65 18.94
CA ILE B 204 10.32 11.96 18.90
C ILE B 204 9.57 10.69 18.52
N THR B 205 8.76 10.16 19.46
CA THR B 205 7.95 8.96 19.27
C THR B 205 6.48 9.34 19.20
N LEU B 206 5.85 9.08 18.03
CA LEU B 206 4.42 9.29 17.81
C LEU B 206 3.72 7.94 18.01
N CYS B 207 2.84 7.85 19.01
CA CYS B 207 2.15 6.60 19.35
C CYS B 207 0.75 6.63 18.81
N VAL B 208 0.45 5.74 17.87
CA VAL B 208 -0.81 5.64 17.14
C VAL B 208 -1.59 4.48 17.75
N LEU B 209 -2.57 4.83 18.60
CA LEU B 209 -3.37 3.86 19.34
C LEU B 209 -4.77 3.69 18.81
N GLY B 210 -5.22 2.43 18.81
CA GLY B 210 -6.59 2.08 18.48
C GLY B 210 -7.42 2.23 19.74
N LEU B 211 -8.58 1.62 19.79
CA LEU B 211 -9.42 1.68 20.99
C LEU B 211 -8.78 0.93 22.17
N ILE B 212 -8.74 1.61 23.34
CA ILE B 212 -8.13 1.09 24.57
C ILE B 212 -9.18 1.08 25.66
N ASP B 213 -9.22 -0.02 26.45
CA ASP B 213 -10.22 -0.27 27.50
C ASP B 213 -10.19 0.66 28.75
N THR B 214 -9.88 1.95 28.56
CA THR B 214 -9.91 2.88 29.68
C THR B 214 -11.36 3.17 30.02
N GLU B 215 -11.62 3.48 31.29
CA GLU B 215 -12.94 3.80 31.82
C GLU B 215 -13.63 4.89 30.97
N THR B 216 -12.94 6.04 30.71
CA THR B 216 -13.52 7.11 29.91
C THR B 216 -13.85 6.73 28.45
N ALA B 217 -12.94 5.97 27.76
CA ALA B 217 -13.19 5.54 26.38
C ALA B 217 -14.35 4.56 26.29
N MET B 218 -14.40 3.56 27.22
CA MET B 218 -15.48 2.56 27.25
C MET B 218 -16.83 3.20 27.45
N LYS B 219 -16.93 4.21 28.33
CA LYS B 219 -18.16 4.97 28.55
C LYS B 219 -18.52 5.81 27.31
N ALA B 220 -17.52 6.52 26.72
CA ALA B 220 -17.76 7.41 25.57
C ALA B 220 -18.24 6.71 24.32
N VAL B 221 -17.72 5.51 24.04
CA VAL B 221 -18.06 4.74 22.83
C VAL B 221 -19.20 3.72 23.01
N SER B 222 -19.63 3.46 24.26
CA SER B 222 -20.69 2.48 24.61
C SER B 222 -21.90 2.58 23.68
N GLY B 223 -22.21 1.46 23.02
CA GLY B 223 -23.35 1.35 22.10
C GLY B 223 -23.16 1.98 20.74
N ILE B 224 -22.00 2.59 20.47
CA ILE B 224 -21.78 3.21 19.17
C ILE B 224 -20.61 2.58 18.41
N VAL B 225 -19.49 2.41 19.11
CA VAL B 225 -18.30 1.78 18.56
C VAL B 225 -18.25 0.37 19.16
N HIS B 226 -18.36 -0.64 18.28
CA HIS B 226 -18.45 -2.05 18.68
C HIS B 226 -17.18 -2.87 18.48
N MET B 227 -16.08 -2.23 18.13
CA MET B 227 -14.81 -2.94 17.95
C MET B 227 -14.19 -3.41 19.26
N GLN B 228 -13.33 -4.41 19.15
CA GLN B 228 -12.57 -4.96 20.25
C GLN B 228 -11.60 -3.89 20.80
N ALA B 229 -11.67 -3.62 22.11
CA ALA B 229 -10.80 -2.70 22.86
C ALA B 229 -9.55 -3.46 23.31
N ALA B 230 -8.39 -2.78 23.32
CA ALA B 230 -7.11 -3.37 23.70
C ALA B 230 -6.80 -3.03 25.16
N PRO B 231 -6.04 -3.89 25.88
CA PRO B 231 -5.78 -3.60 27.31
C PRO B 231 -4.85 -2.41 27.56
N LYS B 232 -5.26 -1.53 28.49
CA LYS B 232 -4.53 -0.31 28.87
C LYS B 232 -3.13 -0.52 29.43
N GLU B 233 -2.94 -1.60 30.19
CA GLU B 233 -1.68 -1.96 30.82
C GLU B 233 -0.62 -2.23 29.77
N GLU B 234 -0.94 -3.09 28.78
CA GLU B 234 -0.02 -3.45 27.69
C GLU B 234 0.21 -2.23 26.77
N CYS B 235 -0.86 -1.43 26.55
CA CYS B 235 -0.78 -0.22 25.73
C CYS B 235 0.27 0.71 26.31
N ALA B 236 0.18 0.97 27.63
CA ALA B 236 1.09 1.84 28.37
C ALA B 236 2.53 1.38 28.27
N LEU B 237 2.77 0.04 28.32
CA LEU B 237 4.11 -0.54 28.20
C LEU B 237 4.69 -0.34 26.81
N GLU B 238 3.89 -0.55 25.77
CA GLU B 238 4.28 -0.38 24.37
C GLU B 238 4.68 1.04 24.04
N ILE B 239 4.04 2.03 24.68
CA ILE B 239 4.36 3.44 24.56
C ILE B 239 5.76 3.68 25.14
N ILE B 240 5.99 3.22 26.38
CA ILE B 240 7.27 3.34 27.09
C ILE B 240 8.40 2.70 26.30
N LYS B 241 8.17 1.46 25.79
CA LYS B 241 9.14 0.71 24.99
C LYS B 241 9.59 1.51 23.78
N GLY B 242 8.62 2.08 23.07
CA GLY B 242 8.81 2.87 21.86
C GLY B 242 9.69 4.06 22.08
N GLY B 243 9.43 4.77 23.19
CA GLY B 243 10.19 5.93 23.61
C GLY B 243 11.61 5.55 24.02
N ALA B 244 11.78 4.47 24.83
CA ALA B 244 13.09 3.94 25.29
C ALA B 244 13.95 3.51 24.11
N LEU B 245 13.34 2.87 23.08
CA LEU B 245 14.05 2.44 21.87
C LEU B 245 14.22 3.55 20.84
N ARG B 246 13.70 4.77 21.15
CA ARG B 246 13.81 5.96 20.28
C ARG B 246 13.15 5.75 18.91
N GLN B 247 12.08 4.94 18.87
CA GLN B 247 11.31 4.65 17.66
C GLN B 247 10.55 5.90 17.26
N GLU B 248 10.41 6.13 15.97
CA GLU B 248 9.71 7.29 15.44
C GLU B 248 8.21 7.14 15.63
N GLU B 249 7.71 5.93 15.38
CA GLU B 249 6.28 5.65 15.49
C GLU B 249 6.02 4.30 16.20
N VAL B 250 4.94 4.25 17.00
CA VAL B 250 4.47 3.06 17.70
C VAL B 250 3.03 2.84 17.25
N TYR B 251 2.68 1.60 16.93
CA TYR B 251 1.34 1.23 16.52
C TYR B 251 0.80 0.18 17.47
N TYR B 252 -0.32 0.48 18.13
CA TYR B 252 -0.92 -0.45 19.07
C TYR B 252 -2.42 -0.49 18.90
N ASP B 253 -2.93 -1.65 18.51
CA ASP B 253 -4.36 -1.87 18.22
C ASP B 253 -4.70 -3.37 18.34
N SER B 254 -5.98 -3.67 18.62
CA SER B 254 -6.49 -5.05 18.74
C SER B 254 -6.46 -5.81 17.43
N SER B 255 -6.70 -5.13 16.29
CA SER B 255 -6.74 -5.74 14.96
C SER B 255 -5.38 -5.96 14.33
N ARG B 256 -5.18 -7.17 13.77
CA ARG B 256 -3.94 -7.52 13.08
C ARG B 256 -3.92 -6.88 11.70
N TRP B 257 -5.10 -6.50 11.17
CA TRP B 257 -5.23 -5.83 9.87
C TRP B 257 -4.74 -4.40 9.94
N THR B 258 -4.92 -3.75 11.11
CA THR B 258 -4.43 -2.40 11.37
C THR B 258 -2.92 -2.39 11.23
N THR B 259 -2.24 -3.27 11.97
CA THR B 259 -0.78 -3.41 11.97
C THR B 259 -0.25 -3.66 10.57
N LEU B 260 -0.95 -4.49 9.79
CA LEU B 260 -0.62 -4.80 8.39
C LEU B 260 -0.78 -3.59 7.45
N LEU B 261 -1.74 -2.69 7.74
CA LEU B 261 -2.05 -1.57 6.85
C LEU B 261 -1.73 -0.12 7.24
N ILE B 262 -1.60 0.26 8.57
CA ILE B 262 -1.38 1.67 8.97
C ILE B 262 -0.15 2.33 8.43
N ARG B 263 0.95 1.56 8.33
CA ARG B 263 2.21 2.11 7.86
C ARG B 263 2.05 2.66 6.45
N ASN B 264 2.65 3.81 6.22
CA ASN B 264 2.56 4.50 4.94
C ASN B 264 3.96 4.50 4.33
N PRO B 265 4.40 3.39 3.68
CA PRO B 265 5.76 3.35 3.08
C PRO B 265 5.96 4.45 2.01
N CYS B 266 4.88 4.83 1.29
CA CYS B 266 4.92 5.88 0.28
C CYS B 266 5.28 7.24 0.86
N ARG B 267 4.77 7.55 2.08
CA ARG B 267 5.09 8.80 2.81
C ARG B 267 6.59 8.80 3.14
N LYS B 268 7.12 7.66 3.63
CA LYS B 268 8.54 7.48 3.96
C LYS B 268 9.43 7.72 2.73
N ILE B 269 9.04 7.14 1.56
CA ILE B 269 9.74 7.30 0.29
C ILE B 269 9.72 8.76 -0.16
N LEU B 270 8.52 9.38 -0.21
CA LEU B 270 8.38 10.78 -0.60
C LEU B 270 9.27 11.70 0.25
N GLU B 271 9.25 11.51 1.59
CA GLU B 271 10.04 12.32 2.52
C GLU B 271 11.54 12.22 2.25
N GLU B 272 12.00 11.00 1.89
CA GLU B 272 13.38 10.73 1.49
C GLU B 272 13.66 11.50 0.17
N LEU B 273 12.77 11.39 -0.84
CA LEU B 273 12.90 12.11 -2.11
C LEU B 273 12.97 13.63 -1.94
N TYR B 274 12.07 14.21 -1.09
CA TYR B 274 12.00 15.65 -0.81
C TYR B 274 13.15 16.20 0.07
N SER B 275 13.87 15.31 0.78
CA SER B 275 14.99 15.70 1.64
C SER B 275 16.17 16.35 0.86
N THR B 276 16.20 16.23 -0.49
CA THR B 276 17.23 16.77 -1.39
C THR B 276 16.81 18.11 -2.01
N SER B 277 15.50 18.45 -1.89
CA SER B 277 14.88 19.67 -2.42
C SER B 277 15.21 20.93 -1.63
N TYR B 278 15.79 20.79 -0.41
CA TYR B 278 16.10 21.94 0.41
C TYR B 278 17.54 22.12 0.79
N ASN B 279 17.95 23.38 1.03
CA ASN B 279 19.26 23.79 1.53
C ASN B 279 19.04 24.60 2.83
N MET B 280 19.26 23.94 3.97
CA MET B 280 19.04 24.45 5.34
C MET B 280 20.28 25.11 5.97
N ASP B 281 21.40 25.20 5.21
CA ASP B 281 22.67 25.75 5.74
C ASP B 281 22.60 27.06 6.49
N ARG B 282 21.75 28.00 6.06
CA ARG B 282 21.58 29.29 6.75
C ARG B 282 20.94 29.16 8.14
N PHE B 283 20.24 28.05 8.43
CA PHE B 283 19.53 27.86 9.70
C PHE B 283 20.35 27.13 10.73
N ILE B 284 21.31 26.31 10.27
CA ILE B 284 22.16 25.54 11.16
C ILE B 284 23.62 25.62 10.79
N ASN B 285 24.39 26.40 11.57
CA ASN B 285 25.83 26.60 11.39
C ASN B 285 26.53 26.80 12.73
N MET C 4 -22.12 -0.99 -50.04
CA MET C 4 -22.14 0.18 -49.16
C MET C 4 -20.93 0.24 -48.23
N ALA C 5 -20.40 -0.93 -47.80
CA ALA C 5 -19.22 -1.01 -46.93
C ALA C 5 -17.99 -0.36 -47.57
N SER C 6 -17.90 -0.37 -48.93
CA SER C 6 -16.83 0.26 -49.72
C SER C 6 -16.90 1.81 -49.62
N MET C 7 -18.13 2.33 -49.41
CA MET C 7 -18.44 3.76 -49.30
C MET C 7 -18.56 4.21 -47.83
N THR C 8 -18.39 3.26 -46.89
CA THR C 8 -18.44 3.49 -45.44
C THR C 8 -17.03 3.50 -44.85
N GLY C 9 -16.82 4.38 -43.87
CA GLY C 9 -15.55 4.52 -43.16
C GLY C 9 -15.72 5.27 -41.85
N GLY C 10 -14.68 5.24 -41.02
CA GLY C 10 -14.65 5.92 -39.74
C GLY C 10 -14.15 5.09 -38.57
N GLN C 11 -14.29 5.64 -37.35
CA GLN C 11 -13.80 5.01 -36.13
C GLN C 11 -14.74 5.17 -34.94
N GLN C 12 -14.92 4.08 -34.19
CA GLN C 12 -15.73 4.01 -32.97
C GLN C 12 -14.99 4.56 -31.74
N MET C 13 -13.65 4.50 -31.75
CA MET C 13 -12.82 4.89 -30.62
C MET C 13 -12.40 6.37 -30.56
N GLY C 14 -13.36 7.23 -30.26
CA GLY C 14 -13.13 8.66 -30.10
C GLY C 14 -13.07 9.07 -28.64
N ARG C 15 -13.37 10.36 -28.34
CA ARG C 15 -13.36 10.87 -26.96
C ARG C 15 -14.34 10.11 -26.06
N GLY C 16 -13.80 9.57 -24.97
CA GLY C 16 -14.56 8.80 -24.00
C GLY C 16 -14.46 7.30 -24.17
N SER C 17 -13.79 6.83 -25.26
CA SER C 17 -13.62 5.40 -25.53
C SER C 17 -12.50 4.74 -24.67
N ASN C 18 -11.69 5.55 -23.93
CA ASN C 18 -10.64 5.05 -23.01
C ASN C 18 -11.38 4.40 -21.83
N GLU C 19 -12.54 4.99 -21.50
CA GLU C 19 -13.52 4.57 -20.51
C GLU C 19 -14.80 4.31 -21.35
N GLU C 20 -15.96 4.26 -20.71
CA GLU C 20 -17.28 4.04 -21.34
C GLU C 20 -17.40 3.08 -22.54
N PHE C 21 -17.68 1.82 -22.21
CA PHE C 21 -17.85 0.78 -23.22
C PHE C 21 -19.18 0.93 -23.95
N ARG C 22 -19.19 0.58 -25.23
CA ARG C 22 -20.38 0.50 -26.08
C ARG C 22 -20.28 -0.81 -26.85
N PRO C 23 -21.37 -1.59 -26.98
CA PRO C 23 -21.29 -2.86 -27.74
C PRO C 23 -20.78 -2.71 -29.18
N GLU C 24 -20.97 -1.51 -29.76
CA GLU C 24 -20.57 -1.15 -31.13
C GLU C 24 -19.06 -1.15 -31.35
N MET C 25 -18.26 -1.15 -30.24
CA MET C 25 -16.79 -1.24 -30.30
C MET C 25 -16.33 -2.59 -30.85
N LEU C 26 -17.21 -3.62 -30.76
CA LEU C 26 -16.94 -4.97 -31.26
C LEU C 26 -17.54 -5.26 -32.65
N GLN C 27 -18.39 -4.37 -33.17
CA GLN C 27 -19.02 -4.50 -34.48
C GLN C 27 -17.96 -4.64 -35.59
N GLY C 28 -17.99 -5.78 -36.29
CA GLY C 28 -17.04 -6.06 -37.37
C GLY C 28 -15.63 -6.46 -36.93
N LYS C 29 -15.41 -6.60 -35.61
CA LYS C 29 -14.11 -7.01 -35.08
C LYS C 29 -13.90 -8.50 -35.27
N LYS C 30 -12.65 -8.89 -35.55
CA LYS C 30 -12.24 -10.26 -35.80
C LYS C 30 -11.67 -10.84 -34.51
N VAL C 31 -12.45 -11.73 -33.89
CA VAL C 31 -12.17 -12.27 -32.56
C VAL C 31 -12.05 -13.78 -32.51
N ILE C 32 -11.00 -14.26 -31.83
CA ILE C 32 -10.79 -15.67 -31.51
C ILE C 32 -11.23 -15.84 -30.03
N VAL C 33 -12.00 -16.92 -29.74
CA VAL C 33 -12.37 -17.29 -28.37
C VAL C 33 -11.98 -18.77 -28.19
N THR C 34 -11.07 -19.06 -27.25
CA THR C 34 -10.66 -20.43 -26.95
C THR C 34 -11.54 -20.91 -25.81
N GLY C 35 -11.65 -22.24 -25.67
CA GLY C 35 -12.52 -22.87 -24.68
C GLY C 35 -13.93 -22.32 -24.76
N ALA C 36 -14.46 -22.21 -25.97
CA ALA C 36 -15.75 -21.56 -26.24
C ALA C 36 -16.96 -22.47 -26.51
N SER C 37 -16.84 -23.75 -26.25
CA SER C 37 -17.95 -24.69 -26.43
C SER C 37 -18.89 -24.70 -25.19
N LYS C 38 -18.38 -24.21 -24.04
CA LYS C 38 -19.14 -24.14 -22.79
C LYS C 38 -18.62 -23.04 -21.87
N GLY C 39 -19.32 -22.84 -20.76
CA GLY C 39 -19.00 -21.88 -19.71
C GLY C 39 -18.86 -20.45 -20.15
N ILE C 40 -17.85 -19.77 -19.59
CA ILE C 40 -17.54 -18.37 -19.86
C ILE C 40 -17.21 -18.13 -21.34
N GLY C 41 -16.39 -19.01 -21.93
CA GLY C 41 -16.01 -18.93 -23.33
C GLY C 41 -17.22 -18.89 -24.27
N ARG C 42 -18.21 -19.78 -24.04
CA ARG C 42 -19.45 -19.81 -24.83
C ARG C 42 -20.25 -18.49 -24.64
N GLU C 43 -20.33 -17.99 -23.40
CA GLU C 43 -20.99 -16.73 -23.09
C GLU C 43 -20.32 -15.56 -23.82
N MET C 44 -18.96 -15.59 -23.94
CA MET C 44 -18.21 -14.53 -24.65
C MET C 44 -18.51 -14.58 -26.14
N ALA C 45 -18.56 -15.79 -26.71
CA ALA C 45 -18.91 -15.99 -28.12
C ALA C 45 -20.29 -15.38 -28.42
N TYR C 46 -21.27 -15.62 -27.52
CA TYR C 46 -22.66 -15.14 -27.62
C TYR C 46 -22.74 -13.63 -27.55
N HIS C 47 -22.02 -13.00 -26.60
CA HIS C 47 -21.98 -11.54 -26.48
C HIS C 47 -21.40 -10.93 -27.74
N LEU C 48 -20.27 -11.50 -28.25
CA LEU C 48 -19.61 -11.02 -29.47
C LEU C 48 -20.49 -11.15 -30.70
N ALA C 49 -21.25 -12.24 -30.80
CA ALA C 49 -22.18 -12.48 -31.90
C ALA C 49 -23.25 -11.40 -31.90
N LYS C 50 -23.87 -11.09 -30.72
CA LYS C 50 -24.88 -10.02 -30.55
C LYS C 50 -24.32 -8.66 -30.96
N MET C 51 -23.03 -8.43 -30.66
CA MET C 51 -22.33 -7.18 -30.99
C MET C 51 -21.97 -7.07 -32.47
N GLY C 52 -22.15 -8.14 -33.23
CA GLY C 52 -21.88 -8.15 -34.67
C GLY C 52 -20.43 -8.39 -35.02
N ALA C 53 -19.68 -9.08 -34.15
CA ALA C 53 -18.28 -9.37 -34.41
C ALA C 53 -18.16 -10.58 -35.30
N HIS C 54 -17.00 -10.75 -35.94
CA HIS C 54 -16.62 -11.94 -36.69
C HIS C 54 -16.02 -12.83 -35.60
N VAL C 55 -16.46 -14.07 -35.52
CA VAL C 55 -16.01 -14.97 -34.46
C VAL C 55 -15.45 -16.31 -34.97
N VAL C 56 -14.34 -16.76 -34.35
CA VAL C 56 -13.76 -18.10 -34.55
C VAL C 56 -13.60 -18.71 -33.16
N VAL C 57 -14.36 -19.77 -32.90
CA VAL C 57 -14.37 -20.48 -31.63
C VAL C 57 -13.61 -21.79 -31.70
N THR C 58 -12.98 -22.19 -30.60
CA THR C 58 -12.25 -23.46 -30.51
C THR C 58 -12.48 -24.12 -29.14
N ALA C 59 -12.29 -25.44 -29.13
CA ALA C 59 -12.39 -26.41 -28.02
C ALA C 59 -12.16 -27.79 -28.70
N ARG C 60 -12.19 -28.90 -27.94
CA ARG C 60 -11.96 -30.20 -28.57
C ARG C 60 -13.21 -30.75 -29.28
N SER C 61 -14.40 -30.50 -28.72
CA SER C 61 -15.68 -31.04 -29.21
C SER C 61 -16.28 -30.29 -30.39
N LYS C 62 -16.19 -30.88 -31.59
CA LYS C 62 -16.76 -30.30 -32.80
C LYS C 62 -18.29 -30.18 -32.74
N GLU C 63 -18.97 -31.13 -32.10
CA GLU C 63 -20.43 -31.17 -31.98
C GLU C 63 -20.95 -30.02 -31.14
N THR C 64 -20.30 -29.72 -30.00
CA THR C 64 -20.69 -28.62 -29.13
C THR C 64 -20.28 -27.29 -29.76
N LEU C 65 -19.13 -27.25 -30.45
CA LEU C 65 -18.69 -26.04 -31.16
C LEU C 65 -19.68 -25.67 -32.29
N GLN C 66 -20.21 -26.68 -33.02
CA GLN C 66 -21.22 -26.53 -34.10
C GLN C 66 -22.46 -25.80 -33.57
N LYS C 67 -22.94 -26.19 -32.38
CA LYS C 67 -24.12 -25.60 -31.73
C LYS C 67 -23.88 -24.12 -31.37
N VAL C 68 -22.66 -23.79 -30.86
CA VAL C 68 -22.26 -22.42 -30.50
C VAL C 68 -22.21 -21.55 -31.77
N VAL C 69 -21.56 -22.05 -32.83
CA VAL C 69 -21.47 -21.34 -34.12
C VAL C 69 -22.88 -21.04 -34.67
N SER C 70 -23.75 -22.07 -34.76
CA SER C 70 -25.13 -21.94 -35.22
C SER C 70 -25.89 -20.89 -34.40
N HIS C 71 -25.78 -20.94 -33.06
CA HIS C 71 -26.42 -19.92 -32.21
C HIS C 71 -25.82 -18.50 -32.39
N CYS C 72 -24.49 -18.42 -32.63
CA CYS C 72 -23.79 -17.15 -32.88
C CYS C 72 -24.36 -16.47 -34.11
N LEU C 73 -24.57 -17.25 -35.19
CA LEU C 73 -25.17 -16.76 -36.45
C LEU C 73 -26.58 -16.22 -36.24
N GLU C 74 -27.38 -16.90 -35.41
CA GLU C 74 -28.75 -16.52 -35.03
C GLU C 74 -28.74 -15.22 -34.23
N LEU C 75 -27.75 -15.06 -33.32
CA LEU C 75 -27.62 -13.86 -32.49
C LEU C 75 -27.19 -12.60 -33.26
N GLY C 76 -26.65 -12.77 -34.46
CA GLY C 76 -26.24 -11.64 -35.29
C GLY C 76 -24.75 -11.48 -35.57
N ALA C 77 -23.97 -12.58 -35.46
CA ALA C 77 -22.53 -12.54 -35.75
C ALA C 77 -22.32 -12.19 -37.23
N ALA C 78 -21.29 -11.37 -37.52
CA ALA C 78 -20.92 -10.98 -38.89
C ALA C 78 -20.52 -12.24 -39.64
N SER C 79 -19.90 -13.19 -38.93
CA SER C 79 -19.53 -14.54 -39.38
C SER C 79 -19.16 -15.35 -38.16
N ALA C 80 -19.33 -16.66 -38.24
CA ALA C 80 -19.00 -17.56 -37.15
C ALA C 80 -18.49 -18.87 -37.71
N HIS C 81 -17.34 -19.34 -37.21
CA HIS C 81 -16.75 -20.62 -37.59
C HIS C 81 -16.13 -21.22 -36.34
N TYR C 82 -15.82 -22.51 -36.42
CA TYR C 82 -15.12 -23.25 -35.38
C TYR C 82 -14.03 -24.09 -36.03
N ILE C 83 -12.99 -24.39 -35.25
CA ILE C 83 -11.92 -25.31 -35.61
C ILE C 83 -11.70 -26.10 -34.33
N ALA C 84 -11.94 -27.42 -34.36
CA ALA C 84 -11.81 -28.29 -33.20
C ALA C 84 -10.41 -28.85 -33.07
N GLY C 85 -9.95 -28.92 -31.83
CA GLY C 85 -8.64 -29.47 -31.52
C GLY C 85 -8.24 -29.32 -30.08
N THR C 86 -7.18 -30.01 -29.69
CA THR C 86 -6.65 -29.96 -28.33
C THR C 86 -5.51 -28.97 -28.19
N MET C 87 -5.58 -28.14 -27.13
CA MET C 87 -4.53 -27.19 -26.83
C MET C 87 -3.31 -27.84 -26.13
N GLU C 88 -3.34 -29.18 -25.97
CA GLU C 88 -2.21 -30.00 -25.51
C GLU C 88 -1.21 -30.10 -26.69
N ASP C 89 -1.73 -29.96 -27.92
CA ASP C 89 -0.99 -30.05 -29.17
C ASP C 89 -0.60 -28.66 -29.62
N MET C 90 0.68 -28.31 -29.41
CA MET C 90 1.27 -27.01 -29.74
C MET C 90 1.26 -26.71 -31.24
N THR C 91 1.30 -27.77 -32.10
CA THR C 91 1.22 -27.63 -33.58
C THR C 91 -0.19 -27.19 -33.92
N PHE C 92 -1.21 -27.82 -33.30
CA PHE C 92 -2.62 -27.43 -33.49
C PHE C 92 -2.80 -25.97 -33.09
N ALA C 93 -2.32 -25.56 -31.88
CA ALA C 93 -2.44 -24.18 -31.37
C ALA C 93 -1.90 -23.19 -32.38
N GLU C 94 -0.68 -23.45 -32.88
CA GLU C 94 0.00 -22.62 -33.88
C GLU C 94 -0.78 -22.54 -35.23
N GLN C 95 -1.17 -23.70 -35.80
CA GLN C 95 -1.90 -23.74 -37.06
C GLN C 95 -3.32 -23.19 -36.96
N PHE C 96 -3.99 -23.38 -35.79
CA PHE C 96 -5.34 -22.87 -35.53
C PHE C 96 -5.42 -21.36 -35.78
N VAL C 97 -4.43 -20.59 -35.28
CA VAL C 97 -4.40 -19.13 -35.41
C VAL C 97 -4.31 -18.70 -36.87
N ALA C 98 -3.41 -19.32 -37.64
CA ALA C 98 -3.25 -19.02 -39.07
C ALA C 98 -4.60 -19.25 -39.81
N GLN C 99 -5.21 -20.39 -39.53
CA GLN C 99 -6.49 -20.81 -40.09
C GLN C 99 -7.64 -19.91 -39.69
N ALA C 100 -7.70 -19.49 -38.40
CA ALA C 100 -8.72 -18.56 -37.89
C ALA C 100 -8.59 -17.19 -38.56
N GLY C 101 -7.35 -16.68 -38.67
CA GLY C 101 -7.08 -15.40 -39.31
C GLY C 101 -7.49 -15.38 -40.78
N LYS C 102 -7.26 -16.51 -41.49
CA LYS C 102 -7.62 -16.68 -42.89
C LYS C 102 -9.15 -16.64 -43.07
N LEU C 103 -9.90 -17.26 -42.14
CA LEU C 103 -11.36 -17.27 -42.16
C LEU C 103 -11.97 -15.87 -41.96
N MET C 104 -11.33 -15.03 -41.15
CA MET C 104 -11.84 -13.70 -40.85
C MET C 104 -11.24 -12.56 -41.66
N GLY C 105 -10.10 -12.82 -42.30
CA GLY C 105 -9.34 -11.81 -43.03
C GLY C 105 -8.57 -10.92 -42.07
N GLY C 106 -8.03 -11.53 -41.02
CA GLY C 106 -7.28 -10.85 -39.97
C GLY C 106 -7.71 -11.23 -38.57
N LEU C 107 -7.19 -10.48 -37.59
CA LEU C 107 -7.48 -10.69 -36.18
C LEU C 107 -7.31 -9.40 -35.42
N ASP C 108 -8.33 -9.03 -34.63
CA ASP C 108 -8.36 -7.82 -33.77
C ASP C 108 -8.22 -8.18 -32.30
N MET C 109 -8.78 -9.31 -31.87
CA MET C 109 -8.76 -9.71 -30.48
C MET C 109 -8.55 -11.20 -30.33
N LEU C 110 -7.64 -11.58 -29.43
CA LEU C 110 -7.33 -12.97 -29.14
C LEU C 110 -7.75 -13.23 -27.70
N ILE C 111 -8.83 -14.02 -27.51
CA ILE C 111 -9.32 -14.32 -26.17
C ILE C 111 -8.89 -15.71 -25.76
N LEU C 112 -7.94 -15.76 -24.82
CA LEU C 112 -7.34 -17.00 -24.30
C LEU C 112 -8.04 -17.37 -23.00
N ASN C 113 -8.92 -18.38 -23.10
CA ASN C 113 -9.82 -18.77 -22.03
C ASN C 113 -9.77 -20.25 -21.60
N HIS C 114 -9.47 -21.18 -22.51
CA HIS C 114 -9.40 -22.62 -22.22
C HIS C 114 -8.44 -22.99 -21.07
N ILE C 115 -8.77 -24.07 -20.36
CA ILE C 115 -7.94 -24.71 -19.32
C ILE C 115 -8.08 -26.23 -19.48
N THR C 116 -7.15 -27.00 -18.90
CA THR C 116 -7.25 -28.46 -18.88
C THR C 116 -8.25 -28.81 -17.77
N ASN C 117 -9.03 -29.91 -17.92
CA ASN C 117 -10.01 -30.37 -16.91
C ASN C 117 -9.34 -30.50 -15.54
N THR C 118 -9.90 -29.81 -14.54
CA THR C 118 -9.33 -29.81 -13.19
C THR C 118 -10.35 -29.99 -12.07
N SER C 119 -10.00 -30.84 -11.12
CA SER C 119 -10.85 -31.08 -9.98
C SER C 119 -10.11 -30.60 -8.72
N LEU C 120 -10.82 -30.43 -7.59
CA LEU C 120 -10.14 -29.98 -6.38
C LEU C 120 -9.57 -31.21 -5.67
N ASN C 121 -8.29 -31.16 -5.34
CA ASN C 121 -7.61 -32.25 -4.64
C ASN C 121 -6.40 -31.70 -3.93
N LEU C 122 -5.96 -32.36 -2.85
CA LEU C 122 -4.73 -31.97 -2.16
C LEU C 122 -3.60 -32.45 -3.05
N PHE C 123 -2.51 -31.70 -3.11
CA PHE C 123 -1.40 -32.11 -3.94
C PHE C 123 -0.61 -33.21 -3.21
N HIS C 124 -0.41 -34.32 -3.89
CA HIS C 124 0.41 -35.41 -3.35
C HIS C 124 1.52 -35.77 -4.30
N ASP C 125 1.21 -36.41 -5.42
CA ASP C 125 2.25 -36.84 -6.34
C ASP C 125 1.84 -36.74 -7.81
N ASP C 126 0.74 -36.02 -8.11
CA ASP C 126 0.29 -35.91 -9.49
C ASP C 126 1.08 -34.85 -10.30
N ILE C 127 2.34 -35.21 -10.65
CA ILE C 127 3.24 -34.39 -11.46
C ILE C 127 2.70 -34.25 -12.90
N HIS C 128 2.01 -35.30 -13.39
CA HIS C 128 1.34 -35.34 -14.70
C HIS C 128 0.37 -34.15 -14.82
N HIS C 129 -0.46 -33.93 -13.78
CA HIS C 129 -1.44 -32.84 -13.74
C HIS C 129 -0.75 -31.47 -13.64
N VAL C 130 0.36 -31.36 -12.88
CA VAL C 130 1.12 -30.10 -12.78
C VAL C 130 1.67 -29.70 -14.16
N ARG C 131 2.29 -30.66 -14.87
CA ARG C 131 2.85 -30.46 -16.22
C ARG C 131 1.75 -30.13 -17.26
N LYS C 132 0.64 -30.89 -17.26
CA LYS C 132 -0.47 -30.69 -18.19
C LYS C 132 -1.11 -29.31 -17.97
N SER C 133 -1.27 -28.88 -16.70
CA SER C 133 -1.79 -27.54 -16.36
C SER C 133 -0.84 -26.50 -16.93
N MET C 134 0.47 -26.69 -16.77
CA MET C 134 1.41 -25.73 -17.32
C MET C 134 1.38 -25.70 -18.85
N GLU C 135 1.27 -26.87 -19.48
CA GLU C 135 1.24 -27.00 -20.95
C GLU C 135 -0.01 -26.36 -21.56
N VAL C 136 -1.19 -26.76 -21.08
CA VAL C 136 -2.49 -26.31 -21.57
C VAL C 136 -2.84 -24.90 -21.10
N ASN C 137 -2.80 -24.65 -19.78
CA ASN C 137 -3.22 -23.34 -19.24
C ASN C 137 -2.25 -22.21 -19.48
N PHE C 138 -0.97 -22.53 -19.71
CA PHE C 138 0.05 -21.49 -19.85
C PHE C 138 0.81 -21.51 -21.18
N LEU C 139 1.56 -22.59 -21.44
CA LEU C 139 2.38 -22.73 -22.65
C LEU C 139 1.61 -22.54 -23.96
N SER C 140 0.38 -23.10 -24.06
CA SER C 140 -0.43 -22.92 -25.26
C SER C 140 -0.85 -21.46 -25.47
N TYR C 141 -1.08 -20.70 -24.38
CA TYR C 141 -1.42 -19.27 -24.44
C TYR C 141 -0.25 -18.50 -25.09
N VAL C 142 1.00 -18.89 -24.74
CA VAL C 142 2.23 -18.32 -25.30
C VAL C 142 2.36 -18.66 -26.81
N VAL C 143 2.11 -19.93 -27.17
CA VAL C 143 2.15 -20.41 -28.56
C VAL C 143 1.10 -19.67 -29.40
N LEU C 144 -0.12 -19.52 -28.86
CA LEU C 144 -1.21 -18.81 -29.52
C LEU C 144 -0.87 -17.33 -29.73
N THR C 145 -0.24 -16.68 -28.73
CA THR C 145 0.20 -15.28 -28.79
C THR C 145 1.26 -15.07 -29.89
N VAL C 146 2.27 -15.95 -29.95
CA VAL C 146 3.35 -15.90 -30.96
C VAL C 146 2.74 -15.97 -32.36
N ALA C 147 1.81 -16.91 -32.58
CA ALA C 147 1.15 -17.13 -33.87
C ALA C 147 0.25 -15.95 -34.25
N ALA C 148 -0.40 -15.32 -33.25
CA ALA C 148 -1.34 -14.21 -33.45
C ALA C 148 -0.72 -12.82 -33.57
N LEU C 149 0.47 -12.61 -32.98
CA LEU C 149 1.11 -11.28 -32.94
C LEU C 149 1.23 -10.52 -34.27
N PRO C 150 1.72 -11.11 -35.40
CA PRO C 150 1.79 -10.33 -36.66
C PRO C 150 0.44 -9.72 -37.07
N MET C 151 -0.65 -10.49 -36.97
CA MET C 151 -2.01 -10.00 -37.27
C MET C 151 -2.48 -8.95 -36.28
N LEU C 152 -2.18 -9.14 -34.97
CA LEU C 152 -2.56 -8.17 -33.95
C LEU C 152 -1.78 -6.86 -34.10
N LYS C 153 -0.51 -6.94 -34.53
CA LYS C 153 0.33 -5.76 -34.79
C LYS C 153 -0.29 -4.95 -35.94
N GLN C 154 -0.75 -5.65 -37.00
CA GLN C 154 -1.39 -5.08 -38.18
C GLN C 154 -2.71 -4.35 -37.80
N SER C 155 -3.43 -4.87 -36.82
CA SER C 155 -4.70 -4.25 -36.40
C SER C 155 -4.63 -3.41 -35.15
N ASN C 156 -3.43 -3.33 -34.52
CA ASN C 156 -3.23 -2.67 -33.21
C ASN C 156 -4.22 -3.33 -32.24
N GLY C 157 -4.27 -4.65 -32.32
CA GLY C 157 -5.18 -5.53 -31.62
C GLY C 157 -4.96 -5.71 -30.13
N SER C 158 -5.64 -6.72 -29.59
CA SER C 158 -5.68 -7.00 -28.18
C SER C 158 -5.55 -8.48 -27.86
N ILE C 159 -4.86 -8.78 -26.74
CA ILE C 159 -4.73 -10.11 -26.18
C ILE C 159 -5.48 -10.06 -24.85
N VAL C 160 -6.44 -10.99 -24.66
CA VAL C 160 -7.23 -11.08 -23.44
C VAL C 160 -6.90 -12.43 -22.79
N VAL C 161 -6.34 -12.38 -21.58
CA VAL C 161 -5.91 -13.55 -20.83
C VAL C 161 -6.85 -13.79 -19.66
N VAL C 162 -7.57 -14.91 -19.70
CA VAL C 162 -8.49 -15.25 -18.61
C VAL C 162 -7.75 -15.99 -17.50
N SER C 163 -7.69 -15.36 -16.32
CA SER C 163 -7.02 -15.90 -15.15
C SER C 163 -8.05 -16.09 -14.02
N SER C 164 -7.60 -16.10 -12.77
CA SER C 164 -8.45 -16.35 -11.61
C SER C 164 -7.88 -15.58 -10.41
N LEU C 165 -8.69 -15.47 -9.32
CA LEU C 165 -8.20 -14.94 -8.04
C LEU C 165 -7.07 -15.86 -7.54
N ALA C 166 -7.13 -17.17 -7.88
CA ALA C 166 -6.11 -18.18 -7.57
C ALA C 166 -4.83 -17.94 -8.40
N GLY C 167 -4.87 -16.94 -9.30
CA GLY C 167 -3.71 -16.48 -10.06
C GLY C 167 -3.16 -15.17 -9.52
N LYS C 168 -3.66 -14.71 -8.33
CA LYS C 168 -3.22 -13.48 -7.64
C LYS C 168 -2.95 -13.76 -6.16
N VAL C 169 -3.69 -14.72 -5.59
CA VAL C 169 -3.58 -15.16 -4.18
C VAL C 169 -3.49 -16.69 -4.15
N ALA C 170 -3.00 -17.25 -3.05
CA ALA C 170 -2.93 -18.71 -2.89
C ALA C 170 -4.29 -19.26 -2.43
N TYR C 171 -4.65 -20.45 -2.89
CA TYR C 171 -5.89 -21.13 -2.53
C TYR C 171 -5.59 -22.64 -2.50
N PRO C 172 -5.97 -23.36 -1.43
CA PRO C 172 -5.67 -24.81 -1.37
C PRO C 172 -6.52 -25.61 -2.36
N MET C 173 -6.05 -26.85 -2.70
CA MET C 173 -6.73 -27.83 -3.56
C MET C 173 -6.63 -27.56 -5.05
N VAL C 174 -6.01 -26.43 -5.45
CA VAL C 174 -5.84 -25.97 -6.83
C VAL C 174 -4.39 -25.52 -7.10
N ALA C 175 -3.40 -26.18 -6.45
CA ALA C 175 -1.97 -25.81 -6.55
C ALA C 175 -1.43 -25.74 -7.98
N ALA C 176 -1.62 -26.80 -8.79
CA ALA C 176 -1.14 -26.84 -10.19
C ALA C 176 -1.82 -25.76 -11.03
N TYR C 177 -3.14 -25.61 -10.86
CA TYR C 177 -3.99 -24.63 -11.54
C TYR C 177 -3.50 -23.21 -11.21
N SER C 178 -3.32 -22.93 -9.89
CA SER C 178 -2.84 -21.66 -9.34
C SER C 178 -1.47 -21.31 -9.92
N ALA C 179 -0.54 -22.29 -9.96
CA ALA C 179 0.81 -22.15 -10.53
C ALA C 179 0.70 -21.70 -12.00
N SER C 180 -0.21 -22.33 -12.77
CA SER C 180 -0.40 -21.97 -14.18
C SER C 180 -0.98 -20.56 -14.35
N LYS C 181 -1.86 -20.14 -13.44
CA LYS C 181 -2.48 -18.80 -13.49
C LYS C 181 -1.51 -17.70 -13.04
N PHE C 182 -0.66 -18.00 -12.03
CA PHE C 182 0.40 -17.08 -11.58
C PHE C 182 1.38 -16.90 -12.75
N ALA C 183 1.79 -18.01 -13.43
CA ALA C 183 2.70 -17.98 -14.59
C ALA C 183 2.19 -17.03 -15.68
N LEU C 184 0.86 -17.02 -15.95
CA LEU C 184 0.24 -16.12 -16.92
C LEU C 184 0.51 -14.66 -16.57
N ASP C 185 0.39 -14.30 -15.29
CA ASP C 185 0.62 -12.94 -14.82
C ASP C 185 2.09 -12.53 -15.07
N GLY C 186 3.05 -13.35 -14.59
CA GLY C 186 4.46 -13.09 -14.80
C GLY C 186 4.84 -12.96 -16.26
N PHE C 187 4.35 -13.87 -17.11
CA PHE C 187 4.67 -13.84 -18.54
C PHE C 187 4.08 -12.63 -19.24
N PHE C 188 2.77 -12.51 -19.22
CA PHE C 188 2.04 -11.44 -19.91
C PHE C 188 2.30 -10.04 -19.37
N SER C 189 2.53 -9.90 -18.06
CA SER C 189 2.81 -8.58 -17.51
C SER C 189 4.24 -8.13 -17.90
N SER C 190 5.18 -9.07 -18.03
CA SER C 190 6.55 -8.80 -18.47
C SER C 190 6.56 -8.43 -19.97
N ILE C 191 5.82 -9.19 -20.82
CA ILE C 191 5.69 -8.87 -22.26
C ILE C 191 4.96 -7.56 -22.51
N ARG C 192 4.06 -7.16 -21.62
CA ARG C 192 3.39 -5.85 -21.71
C ARG C 192 4.42 -4.70 -21.62
N LYS C 193 5.39 -4.82 -20.68
CA LYS C 193 6.47 -3.85 -20.49
C LYS C 193 7.36 -3.85 -21.73
N GLU C 194 7.64 -5.04 -22.31
CA GLU C 194 8.41 -5.19 -23.54
C GLU C 194 7.73 -4.50 -24.72
N TYR C 195 6.39 -4.62 -24.82
CA TYR C 195 5.57 -4.00 -25.89
C TYR C 195 5.55 -2.47 -25.77
N SER C 196 5.62 -1.97 -24.55
CA SER C 196 5.66 -0.54 -24.23
C SER C 196 6.96 0.09 -24.74
N VAL C 197 8.11 -0.56 -24.47
CA VAL C 197 9.42 -0.04 -24.91
C VAL C 197 9.69 -0.26 -26.39
N SER C 198 9.09 -1.30 -26.99
CA SER C 198 9.28 -1.67 -28.39
C SER C 198 8.28 -1.00 -29.28
N ARG C 199 7.32 -0.30 -28.67
CA ARG C 199 6.22 0.42 -29.35
C ARG C 199 5.37 -0.56 -30.17
N VAL C 200 5.04 -1.67 -29.54
CA VAL C 200 4.17 -2.70 -30.09
C VAL C 200 2.80 -2.36 -29.49
N ASN C 201 1.90 -1.84 -30.35
CA ASN C 201 0.57 -1.37 -29.97
C ASN C 201 -0.49 -2.49 -29.88
N VAL C 202 -0.18 -3.51 -29.07
CA VAL C 202 -1.06 -4.66 -28.81
C VAL C 202 -1.29 -4.63 -27.31
N SER C 203 -2.54 -4.37 -26.89
CA SER C 203 -2.90 -4.33 -25.47
C SER C 203 -2.98 -5.76 -24.91
N ILE C 204 -2.75 -5.88 -23.58
CA ILE C 204 -2.79 -7.14 -22.83
C ILE C 204 -3.69 -6.95 -21.61
N THR C 205 -4.83 -7.68 -21.59
CA THR C 205 -5.80 -7.65 -20.49
C THR C 205 -5.75 -8.95 -19.72
N LEU C 206 -5.39 -8.88 -18.43
CA LEU C 206 -5.38 -10.03 -17.52
C LEU C 206 -6.68 -9.96 -16.69
N CYS C 207 -7.54 -10.97 -16.83
CA CYS C 207 -8.83 -11.00 -16.17
C CYS C 207 -8.77 -11.91 -14.96
N VAL C 208 -8.97 -11.33 -13.77
CA VAL C 208 -8.87 -12.00 -12.48
C VAL C 208 -10.29 -12.28 -12.00
N LEU C 209 -10.73 -13.52 -12.17
CA LEU C 209 -12.09 -13.96 -11.84
C LEU C 209 -12.18 -14.75 -10.57
N GLY C 210 -13.23 -14.47 -9.79
CA GLY C 210 -13.56 -15.25 -8.61
C GLY C 210 -14.41 -16.42 -9.07
N LEU C 211 -15.07 -17.10 -8.14
CA LEU C 211 -15.94 -18.23 -8.46
C LEU C 211 -17.08 -17.81 -9.40
N ILE C 212 -17.26 -18.55 -10.52
CA ILE C 212 -18.27 -18.31 -11.57
C ILE C 212 -19.19 -19.55 -11.69
N ASP C 213 -20.49 -19.32 -11.82
CA ASP C 213 -21.52 -20.37 -11.87
C ASP C 213 -21.54 -21.28 -13.10
N THR C 214 -20.35 -21.62 -13.65
CA THR C 214 -20.32 -22.53 -14.80
C THR C 214 -20.59 -23.93 -14.29
N GLU C 215 -21.17 -24.76 -15.16
CA GLU C 215 -21.50 -26.15 -14.88
C GLU C 215 -20.30 -26.91 -14.30
N THR C 216 -19.10 -26.84 -14.93
CA THR C 216 -17.92 -27.53 -14.43
C THR C 216 -17.44 -27.04 -13.06
N ALA C 217 -17.47 -25.72 -12.80
CA ALA C 217 -17.03 -25.19 -11.50
C ALA C 217 -17.99 -25.57 -10.40
N MET C 218 -19.31 -25.46 -10.64
CA MET C 218 -20.33 -25.81 -9.65
C MET C 218 -20.24 -27.30 -9.27
N LYS C 219 -19.99 -28.18 -10.24
CA LYS C 219 -19.77 -29.61 -9.97
C LYS C 219 -18.46 -29.84 -9.19
N ALA C 220 -17.34 -29.18 -9.62
CA ALA C 220 -16.02 -29.36 -9.00
C ALA C 220 -15.94 -28.91 -7.54
N VAL C 221 -16.68 -27.83 -7.18
CA VAL C 221 -16.64 -27.24 -5.85
C VAL C 221 -17.75 -27.71 -4.90
N SER C 222 -18.77 -28.43 -5.43
CA SER C 222 -19.90 -28.97 -4.67
C SER C 222 -19.43 -29.74 -3.41
N GLY C 223 -19.83 -29.26 -2.24
CA GLY C 223 -19.51 -29.84 -0.94
C GLY C 223 -18.10 -29.58 -0.45
N ILE C 224 -17.32 -28.78 -1.19
CA ILE C 224 -15.93 -28.46 -0.89
C ILE C 224 -15.82 -26.96 -0.58
N VAL C 225 -16.39 -26.11 -1.45
CA VAL C 225 -16.39 -24.66 -1.30
C VAL C 225 -17.84 -24.19 -1.03
N HIS C 226 -18.04 -23.44 0.07
CA HIS C 226 -19.34 -22.85 0.44
C HIS C 226 -19.09 -21.37 0.23
N MET C 227 -19.51 -20.86 -0.94
CA MET C 227 -19.20 -19.50 -1.39
C MET C 227 -20.14 -19.11 -2.53
N GLN C 228 -20.46 -17.81 -2.61
CA GLN C 228 -21.29 -17.26 -3.67
C GLN C 228 -20.54 -17.23 -5.00
N ALA C 229 -21.14 -17.83 -6.05
CA ALA C 229 -20.57 -17.81 -7.40
C ALA C 229 -21.20 -16.66 -8.17
N ALA C 230 -20.42 -16.02 -9.02
CA ALA C 230 -20.92 -14.91 -9.83
C ALA C 230 -21.51 -15.42 -11.17
N PRO C 231 -22.45 -14.67 -11.78
CA PRO C 231 -23.07 -15.17 -13.04
C PRO C 231 -22.12 -15.13 -14.24
N LYS C 232 -22.09 -16.23 -15.00
CA LYS C 232 -21.24 -16.42 -16.18
C LYS C 232 -21.47 -15.43 -17.32
N GLU C 233 -22.73 -15.04 -17.53
CA GLU C 233 -23.13 -14.12 -18.58
C GLU C 233 -22.48 -12.76 -18.38
N GLU C 234 -22.60 -12.19 -17.16
CA GLU C 234 -22.04 -10.90 -16.79
C GLU C 234 -20.50 -10.98 -16.76
N CYS C 235 -19.97 -12.12 -16.29
CA CYS C 235 -18.53 -12.34 -16.24
C CYS C 235 -17.94 -12.21 -17.64
N ALA C 236 -18.56 -12.92 -18.62
CA ALA C 236 -18.17 -12.91 -20.02
C ALA C 236 -18.17 -11.51 -20.62
N LEU C 237 -19.18 -10.69 -20.26
CA LEU C 237 -19.30 -9.31 -20.75
C LEU C 237 -18.18 -8.42 -20.19
N GLU C 238 -17.90 -8.55 -18.89
CA GLU C 238 -16.84 -7.79 -18.22
C GLU C 238 -15.45 -8.05 -18.80
N ILE C 239 -15.20 -9.31 -19.25
CA ILE C 239 -13.96 -9.72 -19.91
C ILE C 239 -13.84 -8.98 -21.25
N ILE C 240 -14.90 -9.04 -22.08
CA ILE C 240 -14.96 -8.37 -23.38
C ILE C 240 -14.76 -6.87 -23.24
N LYS C 241 -15.46 -6.23 -22.27
CA LYS C 241 -15.36 -4.79 -21.98
C LYS C 241 -13.93 -4.36 -21.72
N GLY C 242 -13.25 -5.10 -20.84
CA GLY C 242 -11.85 -4.84 -20.48
C GLY C 242 -10.91 -4.91 -21.66
N GLY C 243 -11.14 -5.89 -22.52
CA GLY C 243 -10.39 -6.09 -23.75
C GLY C 243 -10.59 -4.91 -24.69
N ALA C 244 -11.87 -4.54 -24.95
CA ALA C 244 -12.28 -3.43 -25.82
C ALA C 244 -11.70 -2.09 -25.31
N LEU C 245 -11.71 -1.88 -23.98
CA LEU C 245 -11.18 -0.64 -23.36
C LEU C 245 -9.67 -0.68 -23.19
N ARG C 246 -9.00 -1.82 -23.57
CA ARG C 246 -7.54 -2.00 -23.50
C ARG C 246 -7.00 -1.87 -22.05
N GLN C 247 -7.82 -2.29 -21.07
CA GLN C 247 -7.46 -2.29 -19.65
C GLN C 247 -6.41 -3.35 -19.42
N GLU C 248 -5.49 -3.08 -18.51
CA GLU C 248 -4.41 -3.99 -18.16
C GLU C 248 -4.95 -5.17 -17.35
N GLU C 249 -5.84 -4.87 -16.41
CA GLU C 249 -6.43 -5.88 -15.55
C GLU C 249 -7.94 -5.66 -15.36
N VAL C 250 -8.68 -6.76 -15.27
CA VAL C 250 -10.12 -6.80 -15.02
C VAL C 250 -10.30 -7.64 -13.75
N TYR C 251 -11.15 -7.18 -12.84
CA TYR C 251 -11.45 -7.90 -11.60
C TYR C 251 -12.94 -8.16 -11.53
N TYR C 252 -13.31 -9.42 -11.44
CA TYR C 252 -14.72 -9.78 -11.38
C TYR C 252 -14.95 -10.86 -10.34
N ASP C 253 -15.71 -10.51 -9.29
CA ASP C 253 -16.01 -11.39 -8.16
C ASP C 253 -17.30 -10.95 -7.45
N SER C 254 -17.98 -11.90 -6.77
CA SER C 254 -19.22 -11.67 -6.00
C SER C 254 -19.01 -10.71 -4.83
N SER C 255 -17.88 -10.84 -4.12
CA SER C 255 -17.54 -10.08 -2.92
C SER C 255 -17.04 -8.67 -3.18
N ARG C 256 -17.57 -7.71 -2.40
CA ARG C 256 -17.14 -6.31 -2.50
C ARG C 256 -15.81 -6.11 -1.78
N TRP C 257 -15.45 -7.02 -0.88
CA TRP C 257 -14.18 -7.00 -0.17
C TRP C 257 -13.02 -7.40 -1.08
N THR C 258 -13.29 -8.29 -2.06
CA THR C 258 -12.31 -8.70 -3.06
C THR C 258 -11.89 -7.48 -3.85
N THR C 259 -12.87 -6.75 -4.40
CA THR C 259 -12.65 -5.54 -5.20
C THR C 259 -11.86 -4.48 -4.41
N LEU C 260 -12.15 -4.34 -3.11
CA LEU C 260 -11.46 -3.44 -2.20
C LEU C 260 -10.00 -3.88 -1.93
N LEU C 261 -9.70 -5.19 -1.99
CA LEU C 261 -8.38 -5.70 -1.64
C LEU C 261 -7.45 -6.30 -2.71
N ILE C 262 -7.97 -6.84 -3.87
CA ILE C 262 -7.11 -7.49 -4.90
C ILE C 262 -6.04 -6.64 -5.51
N ARG C 263 -6.35 -5.36 -5.73
CA ARG C 263 -5.44 -4.44 -6.36
C ARG C 263 -4.16 -4.32 -5.57
N ASN C 264 -3.04 -4.29 -6.28
CA ASN C 264 -1.72 -4.17 -5.70
C ASN C 264 -1.09 -2.86 -6.20
N PRO C 265 -1.48 -1.69 -5.62
CA PRO C 265 -0.86 -0.40 -6.05
C PRO C 265 0.66 -0.37 -5.79
N CYS C 266 1.13 -1.05 -4.74
CA CYS C 266 2.55 -1.16 -4.40
C CYS C 266 3.38 -1.82 -5.48
N ARG C 267 2.81 -2.85 -6.15
CA ARG C 267 3.47 -3.54 -7.27
C ARG C 267 3.64 -2.55 -8.42
N LYS C 268 2.59 -1.76 -8.73
CA LYS C 268 2.60 -0.73 -9.77
C LYS C 268 3.69 0.32 -9.49
N ILE C 269 3.83 0.77 -8.22
CA ILE C 269 4.84 1.73 -7.76
C ILE C 269 6.22 1.11 -7.92
N LEU C 270 6.41 -0.11 -7.37
CA LEU C 270 7.67 -0.82 -7.48
C LEU C 270 8.14 -1.05 -8.90
N GLU C 271 7.23 -1.43 -9.83
CA GLU C 271 7.56 -1.58 -11.26
C GLU C 271 7.94 -0.20 -11.89
N GLU C 272 7.24 0.89 -11.45
CA GLU C 272 7.51 2.23 -11.97
C GLU C 272 8.89 2.70 -11.53
N LEU C 273 9.22 2.51 -10.23
CA LEU C 273 10.54 2.85 -9.68
C LEU C 273 11.65 2.09 -10.39
N TYR C 274 11.45 0.80 -10.64
CA TYR C 274 12.42 -0.06 -11.33
C TYR C 274 12.46 0.12 -12.85
N SER C 275 11.50 0.85 -13.42
CA SER C 275 11.47 1.11 -14.87
C SER C 275 12.65 1.96 -15.35
N THR C 276 13.25 2.74 -14.43
CA THR C 276 14.39 3.63 -14.73
C THR C 276 15.65 2.84 -15.09
N SER C 277 15.71 1.56 -14.69
CA SER C 277 16.83 0.64 -14.90
C SER C 277 17.05 0.21 -16.35
N TYR C 278 16.03 0.31 -17.18
CA TYR C 278 16.13 -0.15 -18.59
C TYR C 278 15.87 0.93 -19.64
N GLU D 19 11.48 -15.46 15.07
CA GLU D 19 12.41 -15.41 16.19
C GLU D 19 13.76 -14.76 15.77
N GLU D 20 14.82 -14.98 16.58
CA GLU D 20 16.18 -14.49 16.43
C GLU D 20 17.05 -15.68 15.98
N PHE D 21 17.70 -15.56 14.80
CA PHE D 21 18.53 -16.63 14.25
C PHE D 21 19.82 -16.80 15.01
N ARG D 22 20.27 -18.07 15.12
CA ARG D 22 21.55 -18.44 15.69
C ARG D 22 22.17 -19.46 14.74
N PRO D 23 23.49 -19.34 14.40
CA PRO D 23 24.11 -20.33 13.48
C PRO D 23 24.00 -21.78 13.92
N GLU D 24 23.81 -21.99 15.23
CA GLU D 24 23.67 -23.30 15.88
C GLU D 24 22.40 -24.05 15.49
N MET D 25 21.41 -23.33 14.92
CA MET D 25 20.17 -23.91 14.40
C MET D 25 20.47 -24.84 13.21
N LEU D 26 21.62 -24.68 12.54
CA LEU D 26 22.03 -25.52 11.41
C LEU D 26 23.03 -26.62 11.75
N GLN D 27 23.59 -26.59 12.98
CA GLN D 27 24.56 -27.58 13.45
C GLN D 27 23.96 -29.00 13.41
N GLY D 28 24.57 -29.87 12.63
CA GLY D 28 24.13 -31.25 12.49
C GLY D 28 22.89 -31.45 11.62
N LYS D 29 22.38 -30.37 10.98
CA LYS D 29 21.22 -30.46 10.10
C LYS D 29 21.61 -31.07 8.76
N LYS D 30 20.68 -31.84 8.17
CA LYS D 30 20.86 -32.53 6.89
C LYS D 30 20.21 -31.67 5.80
N VAL D 31 21.06 -31.01 5.02
CA VAL D 31 20.64 -30.04 4.03
C VAL D 31 21.04 -30.39 2.61
N ILE D 32 20.08 -30.25 1.67
CA ILE D 32 20.30 -30.36 0.24
C ILE D 32 20.35 -28.93 -0.29
N VAL D 33 21.33 -28.63 -1.19
CA VAL D 33 21.44 -27.33 -1.87
C VAL D 33 21.57 -27.63 -3.36
N THR D 34 20.59 -27.16 -4.15
CA THR D 34 20.63 -27.36 -5.61
C THR D 34 21.30 -26.15 -6.22
N GLY D 35 21.82 -26.29 -7.44
CA GLY D 35 22.55 -25.23 -8.13
C GLY D 35 23.64 -24.65 -7.24
N ALA D 36 24.41 -25.53 -6.59
CA ALA D 36 25.40 -25.17 -5.60
C ALA D 36 26.89 -25.17 -6.02
N SER D 37 27.16 -25.27 -7.34
CA SER D 37 28.53 -25.27 -7.84
C SER D 37 29.05 -23.83 -8.00
N LYS D 38 28.13 -22.86 -8.06
CA LYS D 38 28.46 -21.44 -8.21
C LYS D 38 27.37 -20.55 -7.63
N GLY D 39 27.64 -19.24 -7.62
CA GLY D 39 26.73 -18.20 -7.17
C GLY D 39 26.23 -18.32 -5.76
N ILE D 40 24.94 -18.02 -5.58
CA ILE D 40 24.24 -18.04 -4.30
C ILE D 40 24.24 -19.45 -3.69
N GLY D 41 24.01 -20.46 -4.53
CA GLY D 41 24.01 -21.87 -4.16
C GLY D 41 25.29 -22.27 -3.45
N ARG D 42 26.45 -21.92 -4.05
CA ARG D 42 27.79 -22.19 -3.50
C ARG D 42 27.99 -21.45 -2.17
N GLU D 43 27.54 -20.17 -2.09
CA GLU D 43 27.61 -19.37 -0.88
C GLU D 43 26.81 -20.00 0.25
N MET D 44 25.62 -20.58 -0.08
CA MET D 44 24.77 -21.26 0.92
C MET D 44 25.47 -22.51 1.46
N ALA D 45 26.08 -23.31 0.55
CA ALA D 45 26.85 -24.50 0.91
C ALA D 45 27.96 -24.13 1.93
N TYR D 46 28.69 -23.03 1.66
CA TYR D 46 29.79 -22.52 2.48
C TYR D 46 29.32 -22.07 3.86
N HIS D 47 28.19 -21.33 3.93
CA HIS D 47 27.62 -20.90 5.21
C HIS D 47 27.22 -22.10 6.05
N LEU D 48 26.55 -23.09 5.42
CA LEU D 48 26.10 -24.31 6.09
C LEU D 48 27.28 -25.14 6.61
N ALA D 49 28.38 -25.19 5.85
CA ALA D 49 29.61 -25.90 6.22
C ALA D 49 30.18 -25.25 7.49
N LYS D 50 30.30 -23.92 7.52
CA LYS D 50 30.79 -23.18 8.68
C LYS D 50 29.92 -23.43 9.92
N MET D 51 28.59 -23.59 9.71
CA MET D 51 27.60 -23.84 10.78
C MET D 51 27.63 -25.29 11.29
N GLY D 52 28.37 -26.15 10.60
CA GLY D 52 28.51 -27.56 10.95
C GLY D 52 27.37 -28.45 10.49
N ALA D 53 26.73 -28.08 9.38
CA ALA D 53 25.64 -28.89 8.84
C ALA D 53 26.19 -30.01 8.00
N HIS D 54 25.36 -31.04 7.76
CA HIS D 54 25.63 -32.13 6.82
C HIS D 54 25.11 -31.56 5.51
N VAL D 55 25.91 -31.64 4.45
CA VAL D 55 25.54 -31.02 3.19
C VAL D 55 25.64 -31.97 2.00
N VAL D 56 24.63 -31.90 1.10
CA VAL D 56 24.63 -32.60 -0.20
C VAL D 56 24.33 -31.54 -1.26
N VAL D 57 25.32 -31.27 -2.09
CA VAL D 57 25.25 -30.27 -3.15
C VAL D 57 25.05 -30.89 -4.51
N THR D 58 24.37 -30.16 -5.41
CA THR D 58 24.10 -30.63 -6.78
C THR D 58 24.19 -29.50 -7.80
N ALA D 59 24.49 -29.88 -9.04
CA ALA D 59 24.63 -29.09 -10.28
C ALA D 59 25.07 -30.08 -11.37
N ARG D 60 25.27 -29.64 -12.60
CA ARG D 60 25.68 -30.59 -13.64
C ARG D 60 27.18 -30.92 -13.62
N SER D 61 28.02 -29.93 -13.25
CA SER D 61 29.47 -30.08 -13.26
C SER D 61 30.07 -30.76 -12.03
N LYS D 62 30.51 -32.02 -12.19
CA LYS D 62 31.13 -32.78 -11.10
C LYS D 62 32.45 -32.15 -10.62
N GLU D 63 33.23 -31.56 -11.55
CA GLU D 63 34.52 -30.92 -11.27
C GLU D 63 34.37 -29.71 -10.37
N THR D 64 33.37 -28.85 -10.65
CA THR D 64 33.10 -27.65 -9.82
C THR D 64 32.45 -28.07 -8.50
N LEU D 65 31.59 -29.10 -8.53
CA LEU D 65 30.97 -29.62 -7.30
C LEU D 65 32.02 -30.19 -6.34
N GLN D 66 33.05 -30.91 -6.90
CA GLN D 66 34.19 -31.48 -6.14
C GLN D 66 34.91 -30.39 -5.34
N LYS D 67 35.17 -29.22 -5.97
CA LYS D 67 35.82 -28.06 -5.35
C LYS D 67 35.00 -27.50 -4.19
N VAL D 68 33.65 -27.40 -4.36
CA VAL D 68 32.72 -26.90 -3.34
C VAL D 68 32.73 -27.86 -2.14
N VAL D 69 32.58 -29.18 -2.39
CA VAL D 69 32.61 -30.22 -1.35
C VAL D 69 33.92 -30.15 -0.54
N SER D 70 35.08 -30.15 -1.25
CA SER D 70 36.40 -30.05 -0.64
C SER D 70 36.52 -28.80 0.25
N HIS D 71 36.06 -27.62 -0.25
CA HIS D 71 36.08 -26.41 0.55
C HIS D 71 35.10 -26.47 1.74
N CYS D 72 33.93 -27.13 1.56
CA CYS D 72 32.92 -27.30 2.62
C CYS D 72 33.53 -28.08 3.79
N LEU D 73 34.28 -29.15 3.49
CA LEU D 73 34.96 -29.98 4.50
C LEU D 73 36.00 -29.17 5.29
N GLU D 74 36.75 -28.28 4.59
CA GLU D 74 37.74 -27.35 5.16
C GLU D 74 37.05 -26.34 6.09
N LEU D 75 35.88 -25.84 5.69
CA LEU D 75 35.11 -24.86 6.46
C LEU D 75 34.50 -25.41 7.76
N GLY D 76 34.37 -26.73 7.85
CA GLY D 76 33.84 -27.38 9.05
C GLY D 76 32.51 -28.10 8.91
N ALA D 77 32.16 -28.56 7.68
CA ALA D 77 30.92 -29.29 7.45
C ALA D 77 30.99 -30.61 8.20
N ALA D 78 29.87 -31.05 8.81
CA ALA D 78 29.78 -32.35 9.52
C ALA D 78 30.05 -33.46 8.51
N SER D 79 29.62 -33.27 7.26
CA SER D 79 29.87 -34.13 6.11
C SER D 79 29.49 -33.34 4.87
N ALA D 80 30.11 -33.67 3.73
CA ALA D 80 29.85 -32.98 2.48
C ALA D 80 29.99 -33.95 1.35
N HIS D 81 28.96 -33.98 0.48
CA HIS D 81 28.89 -34.83 -0.71
C HIS D 81 28.29 -34.06 -1.86
N TYR D 82 28.51 -34.55 -3.07
CA TYR D 82 27.89 -34.02 -4.26
C TYR D 82 27.37 -35.18 -5.09
N ILE D 83 26.34 -34.91 -5.88
CA ILE D 83 25.78 -35.82 -6.87
C ILE D 83 25.55 -34.92 -8.08
N ALA D 84 26.23 -35.19 -9.18
CA ALA D 84 26.11 -34.40 -10.40
C ALA D 84 25.00 -34.92 -11.32
N GLY D 85 24.30 -33.98 -11.95
CA GLY D 85 23.22 -34.28 -12.89
C GLY D 85 22.43 -33.07 -13.30
N THR D 86 21.60 -33.26 -14.34
CA THR D 86 20.74 -32.21 -14.87
C THR D 86 19.34 -32.26 -14.31
N MET D 87 18.81 -31.10 -13.90
CA MET D 87 17.45 -30.96 -13.40
C MET D 87 16.40 -30.92 -14.52
N GLU D 88 16.85 -31.07 -15.78
CA GLU D 88 16.00 -31.23 -16.97
C GLU D 88 15.45 -32.66 -16.94
N ASP D 89 16.19 -33.57 -16.30
CA ASP D 89 15.88 -34.98 -16.16
C ASP D 89 15.15 -35.21 -14.83
N MET D 90 13.83 -35.40 -14.91
CA MET D 90 12.93 -35.60 -13.77
C MET D 90 13.23 -36.90 -12.98
N THR D 91 13.79 -37.93 -13.66
CA THR D 91 14.22 -39.19 -13.04
C THR D 91 15.43 -38.91 -12.17
N PHE D 92 16.39 -38.10 -12.69
CA PHE D 92 17.57 -37.69 -11.92
C PHE D 92 17.13 -36.92 -10.68
N ALA D 93 16.23 -35.91 -10.84
CA ALA D 93 15.73 -35.10 -9.72
C ALA D 93 15.16 -35.99 -8.61
N GLU D 94 14.29 -36.94 -8.99
CA GLU D 94 13.67 -37.91 -8.07
C GLU D 94 14.73 -38.82 -7.36
N GLN D 95 15.65 -39.43 -8.13
CA GLN D 95 16.68 -40.34 -7.59
C GLN D 95 17.72 -39.60 -6.76
N PHE D 96 18.05 -38.34 -7.14
CA PHE D 96 18.99 -37.50 -6.40
C PHE D 96 18.60 -37.35 -4.93
N VAL D 97 17.31 -37.08 -4.65
CA VAL D 97 16.81 -36.90 -3.29
C VAL D 97 16.96 -38.18 -2.45
N ALA D 98 16.60 -39.34 -3.03
CA ALA D 98 16.72 -40.65 -2.37
C ALA D 98 18.19 -40.89 -1.98
N GLN D 99 19.12 -40.63 -2.94
CA GLN D 99 20.55 -40.79 -2.76
C GLN D 99 21.12 -39.83 -1.73
N ALA D 100 20.69 -38.54 -1.77
CA ALA D 100 21.13 -37.52 -0.82
C ALA D 100 20.69 -37.90 0.60
N GLY D 101 19.45 -38.35 0.76
CA GLY D 101 18.89 -38.78 2.03
C GLY D 101 19.62 -39.99 2.60
N LYS D 102 19.99 -40.94 1.72
CA LYS D 102 20.73 -42.16 2.07
C LYS D 102 22.13 -41.80 2.61
N LEU D 103 22.79 -40.80 1.99
CA LEU D 103 24.12 -40.32 2.39
C LEU D 103 24.11 -39.70 3.78
N MET D 104 23.05 -38.96 4.12
CA MET D 104 22.94 -38.23 5.37
C MET D 104 22.15 -38.93 6.48
N GLY D 105 21.37 -39.95 6.12
CA GLY D 105 20.47 -40.64 7.04
C GLY D 105 19.23 -39.81 7.35
N GLY D 106 18.67 -39.15 6.34
CA GLY D 106 17.49 -38.29 6.48
C GLY D 106 17.66 -36.94 5.82
N LEU D 107 16.71 -36.00 6.13
CA LEU D 107 16.66 -34.66 5.53
C LEU D 107 15.92 -33.67 6.40
N ASP D 108 16.55 -32.53 6.69
CA ASP D 108 15.97 -31.46 7.51
C ASP D 108 15.58 -30.25 6.68
N MET D 109 16.36 -29.95 5.63
CA MET D 109 16.11 -28.78 4.81
C MET D 109 16.42 -29.06 3.35
N LEU D 110 15.49 -28.68 2.47
CA LEU D 110 15.62 -28.84 1.04
C LEU D 110 15.70 -27.44 0.43
N ILE D 111 16.89 -27.07 -0.06
CA ILE D 111 17.10 -25.74 -0.66
C ILE D 111 17.07 -25.83 -2.18
N LEU D 112 15.98 -25.34 -2.77
CA LEU D 112 15.73 -25.35 -4.23
C LEU D 112 16.15 -24.02 -4.82
N ASN D 113 17.31 -24.04 -5.51
CA ASN D 113 18.00 -22.84 -5.97
C ASN D 113 18.36 -22.81 -7.44
N HIS D 114 18.62 -23.96 -8.06
CA HIS D 114 19.00 -24.05 -9.48
C HIS D 114 17.97 -23.41 -10.45
N ILE D 115 18.46 -22.94 -11.60
CA ILE D 115 17.66 -22.42 -12.71
C ILE D 115 18.36 -22.81 -14.00
N THR D 116 17.62 -22.80 -15.12
CA THR D 116 18.22 -23.04 -16.44
C THR D 116 18.93 -21.74 -16.83
N ASN D 117 20.03 -21.83 -17.62
CA ASN D 117 20.80 -20.65 -18.06
C ASN D 117 19.89 -19.67 -18.77
N THR D 118 19.85 -18.42 -18.31
CA THR D 118 19.01 -17.40 -18.92
C THR D 118 19.71 -16.06 -19.05
N SER D 119 19.54 -15.46 -20.21
CA SER D 119 20.08 -14.15 -20.52
C SER D 119 18.92 -13.17 -20.67
N LEU D 120 19.20 -11.86 -20.66
CA LEU D 120 18.14 -10.87 -20.82
C LEU D 120 17.90 -10.68 -22.31
N ASN D 121 16.66 -10.89 -22.77
CA ASN D 121 16.26 -10.75 -24.18
C ASN D 121 14.78 -10.55 -24.21
N LEU D 122 14.34 -9.67 -25.09
CA LEU D 122 12.94 -9.44 -25.40
C LEU D 122 12.34 -10.78 -25.90
N PHE D 123 11.07 -11.00 -25.66
CA PHE D 123 10.49 -12.24 -26.13
C PHE D 123 9.98 -12.11 -27.56
N HIS D 124 10.36 -13.06 -28.42
CA HIS D 124 9.92 -13.13 -29.81
C HIS D 124 9.20 -14.45 -30.11
N ASP D 125 9.92 -15.56 -30.18
CA ASP D 125 9.31 -16.85 -30.55
C ASP D 125 9.98 -18.06 -29.91
N ASP D 126 10.85 -17.83 -28.90
CA ASP D 126 11.57 -18.91 -28.24
C ASP D 126 10.71 -19.68 -27.23
N ILE D 127 9.78 -20.53 -27.75
CA ILE D 127 8.92 -21.40 -26.95
C ILE D 127 9.73 -22.46 -26.21
N HIS D 128 10.86 -22.93 -26.84
CA HIS D 128 11.77 -23.90 -26.26
C HIS D 128 12.34 -23.40 -24.94
N HIS D 129 12.69 -22.10 -24.86
CA HIS D 129 13.19 -21.46 -23.63
C HIS D 129 12.08 -21.30 -22.59
N VAL D 130 10.83 -20.96 -23.01
CA VAL D 130 9.67 -20.85 -22.09
C VAL D 130 9.40 -22.21 -21.41
N ARG D 131 9.39 -23.30 -22.21
CA ARG D 131 9.17 -24.68 -21.72
C ARG D 131 10.29 -25.13 -20.80
N LYS D 132 11.57 -24.93 -21.22
CA LYS D 132 12.75 -25.33 -20.44
C LYS D 132 12.78 -24.60 -19.11
N SER D 133 12.48 -23.28 -19.13
CA SER D 133 12.36 -22.47 -17.92
C SER D 133 11.32 -23.06 -16.98
N MET D 134 10.13 -23.45 -17.51
CA MET D 134 9.07 -24.07 -16.69
C MET D 134 9.50 -25.43 -16.15
N GLU D 135 10.15 -26.24 -16.99
CA GLU D 135 10.62 -27.58 -16.62
C GLU D 135 11.69 -27.55 -15.52
N VAL D 136 12.76 -26.80 -15.75
CA VAL D 136 13.91 -26.70 -14.84
C VAL D 136 13.63 -25.82 -13.62
N ASN D 137 13.18 -24.57 -13.82
CA ASN D 137 12.93 -23.63 -12.71
C ASN D 137 11.71 -23.94 -11.84
N PHE D 138 10.72 -24.67 -12.40
CA PHE D 138 9.49 -24.93 -11.66
C PHE D 138 9.15 -26.41 -11.46
N LEU D 139 8.95 -27.15 -12.54
CA LEU D 139 8.57 -28.56 -12.48
C LEU D 139 9.54 -29.45 -11.69
N SER D 140 10.86 -29.26 -11.86
CA SER D 140 11.85 -30.01 -11.09
C SER D 140 11.78 -29.72 -9.59
N TYR D 141 11.43 -28.48 -9.20
CA TYR D 141 11.24 -28.09 -7.78
C TYR D 141 10.10 -28.91 -7.19
N VAL D 142 9.02 -29.13 -7.98
CA VAL D 142 7.85 -29.95 -7.58
C VAL D 142 8.27 -31.43 -7.45
N VAL D 143 9.02 -31.95 -8.41
CA VAL D 143 9.53 -33.34 -8.40
C VAL D 143 10.43 -33.55 -7.18
N LEU D 144 11.35 -32.62 -6.92
CA LEU D 144 12.26 -32.64 -5.77
C LEU D 144 11.48 -32.62 -4.44
N THR D 145 10.42 -31.80 -4.33
CA THR D 145 9.55 -31.69 -3.17
C THR D 145 8.82 -33.03 -2.90
N VAL D 146 8.22 -33.64 -3.94
CA VAL D 146 7.50 -34.92 -3.84
C VAL D 146 8.44 -36.00 -3.28
N ALA D 147 9.66 -36.10 -3.83
CA ALA D 147 10.69 -37.07 -3.44
C ALA D 147 11.18 -36.84 -2.03
N ALA D 148 11.30 -35.56 -1.60
CA ALA D 148 11.79 -35.16 -0.28
C ALA D 148 10.79 -35.18 0.86
N LEU D 149 9.49 -35.01 0.57
CA LEU D 149 8.44 -34.91 1.59
C LEU D 149 8.41 -35.99 2.68
N PRO D 150 8.46 -37.31 2.38
CA PRO D 150 8.46 -38.31 3.47
C PRO D 150 9.57 -38.09 4.52
N MET D 151 10.81 -37.79 4.06
CA MET D 151 11.93 -37.48 4.97
C MET D 151 11.73 -36.16 5.73
N LEU D 152 11.21 -35.11 5.04
CA LEU D 152 10.94 -33.80 5.65
C LEU D 152 9.79 -33.88 6.67
N LYS D 153 8.83 -34.81 6.47
CA LYS D 153 7.71 -35.04 7.39
C LYS D 153 8.26 -35.70 8.68
N GLN D 154 9.18 -36.66 8.51
CA GLN D 154 9.85 -37.39 9.59
C GLN D 154 10.66 -36.42 10.47
N SER D 155 11.29 -35.41 9.86
CA SER D 155 12.11 -34.47 10.61
C SER D 155 11.43 -33.14 10.95
N ASN D 156 10.17 -32.95 10.53
CA ASN D 156 9.43 -31.68 10.67
C ASN D 156 10.28 -30.57 10.05
N GLY D 157 10.82 -30.89 8.88
CA GLY D 157 11.75 -30.07 8.13
C GLY D 157 11.22 -28.87 7.39
N SER D 158 12.02 -28.42 6.43
CA SER D 158 11.79 -27.19 5.68
C SER D 158 12.10 -27.29 4.22
N ILE D 159 11.30 -26.59 3.41
CA ILE D 159 11.50 -26.42 1.97
C ILE D 159 11.80 -24.94 1.77
N VAL D 160 12.94 -24.64 1.12
CA VAL D 160 13.37 -23.29 0.84
C VAL D 160 13.37 -23.12 -0.68
N VAL D 161 12.54 -22.20 -1.18
CA VAL D 161 12.36 -21.94 -2.61
C VAL D 161 12.97 -20.60 -2.96
N VAL D 162 14.01 -20.63 -3.81
CA VAL D 162 14.69 -19.41 -4.23
C VAL D 162 14.00 -18.83 -5.46
N SER D 163 13.40 -17.64 -5.27
CA SER D 163 12.68 -16.93 -6.32
C SER D 163 13.36 -15.60 -6.58
N SER D 164 12.61 -14.62 -7.11
CA SER D 164 13.13 -13.32 -7.49
C SER D 164 12.04 -12.26 -7.33
N LEU D 165 12.43 -10.97 -7.38
CA LEU D 165 11.47 -9.87 -7.44
C LEU D 165 10.64 -10.03 -8.72
N ALA D 166 11.26 -10.62 -9.79
CA ALA D 166 10.61 -10.92 -11.07
C ALA D 166 9.58 -12.07 -10.90
N GLY D 167 9.49 -12.62 -9.69
CA GLY D 167 8.50 -13.61 -9.30
C GLY D 167 7.40 -13.02 -8.43
N LYS D 168 7.39 -11.65 -8.30
CA LYS D 168 6.39 -10.87 -7.52
C LYS D 168 5.86 -9.70 -8.33
N VAL D 169 6.71 -9.13 -9.19
CA VAL D 169 6.39 -8.00 -10.08
C VAL D 169 6.86 -8.36 -11.49
N ALA D 170 6.36 -7.67 -12.51
CA ALA D 170 6.74 -7.88 -13.90
C ALA D 170 7.99 -7.07 -14.21
N TYR D 171 8.81 -7.56 -15.14
CA TYR D 171 10.06 -6.92 -15.56
C TYR D 171 10.32 -7.34 -17.01
N PRO D 172 10.70 -6.43 -17.91
CA PRO D 172 10.94 -6.83 -19.31
C PRO D 172 12.25 -7.61 -19.46
N MET D 173 12.36 -8.42 -20.54
CA MET D 173 13.55 -9.22 -20.90
C MET D 173 13.75 -10.50 -20.13
N VAL D 174 12.79 -10.81 -19.23
CA VAL D 174 12.81 -12.01 -18.39
C VAL D 174 11.43 -12.66 -18.31
N ALA D 175 10.63 -12.60 -19.38
CA ALA D 175 9.25 -13.14 -19.41
C ALA D 175 9.11 -14.61 -19.02
N ALA D 176 9.90 -15.52 -19.66
CA ALA D 176 9.86 -16.97 -19.37
C ALA D 176 10.30 -17.22 -17.93
N TYR D 177 11.39 -16.57 -17.52
CA TYR D 177 11.96 -16.65 -16.18
C TYR D 177 10.93 -16.20 -15.13
N SER D 178 10.31 -15.03 -15.36
CA SER D 178 9.29 -14.42 -14.50
C SER D 178 8.09 -15.36 -14.34
N ALA D 179 7.63 -15.96 -15.48
CA ALA D 179 6.52 -16.93 -15.48
C ALA D 179 6.85 -18.10 -14.57
N SER D 180 8.08 -18.63 -14.66
CA SER D 180 8.52 -19.75 -13.83
C SER D 180 8.59 -19.38 -12.33
N LYS D 181 9.00 -18.13 -12.03
CA LYS D 181 9.11 -17.66 -10.63
C LYS D 181 7.74 -17.36 -10.02
N PHE D 182 6.80 -16.81 -10.83
CA PHE D 182 5.43 -16.57 -10.39
C PHE D 182 4.77 -17.94 -10.12
N ALA D 183 4.99 -18.94 -11.01
CA ALA D 183 4.48 -20.31 -10.84
C ALA D 183 4.90 -20.91 -9.47
N LEU D 184 6.16 -20.68 -9.06
CA LEU D 184 6.66 -21.14 -7.77
C LEU D 184 5.82 -20.59 -6.61
N ASP D 185 5.46 -19.30 -6.66
CA ASP D 185 4.65 -18.65 -5.64
C ASP D 185 3.25 -19.32 -5.57
N GLY D 186 2.55 -19.41 -6.73
CA GLY D 186 1.25 -20.05 -6.82
C GLY D 186 1.23 -21.46 -6.29
N PHE D 187 2.19 -22.26 -6.73
CA PHE D 187 2.29 -23.66 -6.31
C PHE D 187 2.57 -23.83 -4.81
N PHE D 188 3.71 -23.33 -4.38
CA PHE D 188 4.19 -23.44 -3.01
C PHE D 188 3.34 -22.73 -1.95
N SER D 189 2.73 -21.59 -2.29
CA SER D 189 1.86 -20.89 -1.35
C SER D 189 0.53 -21.64 -1.17
N SER D 190 0.06 -22.34 -2.23
CA SER D 190 -1.17 -23.14 -2.18
C SER D 190 -0.98 -24.40 -1.35
N ILE D 191 0.12 -25.13 -1.57
CA ILE D 191 0.43 -26.34 -0.79
C ILE D 191 0.72 -26.00 0.68
N ARG D 192 1.29 -24.79 0.96
CA ARG D 192 1.52 -24.34 2.34
C ARG D 192 0.18 -24.32 3.12
N LYS D 193 -0.92 -23.83 2.47
CA LYS D 193 -2.26 -23.81 3.06
C LYS D 193 -2.75 -25.25 3.25
N GLU D 194 -2.49 -26.12 2.25
CA GLU D 194 -2.84 -27.53 2.31
C GLU D 194 -2.13 -28.25 3.46
N TYR D 195 -0.82 -27.97 3.67
CA TYR D 195 -0.01 -28.55 4.74
C TYR D 195 -0.53 -28.13 6.12
N SER D 196 -0.97 -26.88 6.24
CA SER D 196 -1.55 -26.31 7.45
C SER D 196 -2.79 -27.09 7.91
N VAL D 197 -3.72 -27.39 6.97
CA VAL D 197 -4.94 -28.14 7.30
C VAL D 197 -4.70 -29.66 7.39
N SER D 198 -3.67 -30.18 6.69
CA SER D 198 -3.30 -31.60 6.67
C SER D 198 -2.43 -31.97 7.85
N ARG D 199 -2.00 -30.94 8.61
CA ARG D 199 -1.09 -31.04 9.76
C ARG D 199 0.27 -31.65 9.34
N VAL D 200 0.78 -31.14 8.20
CA VAL D 200 2.08 -31.50 7.63
C VAL D 200 3.00 -30.41 8.13
N ASN D 201 3.84 -30.76 9.13
CA ASN D 201 4.74 -29.82 9.78
C ASN D 201 6.04 -29.63 9.00
N VAL D 202 5.92 -29.23 7.73
CA VAL D 202 7.01 -28.91 6.82
C VAL D 202 6.80 -27.46 6.42
N SER D 203 7.71 -26.56 6.83
CA SER D 203 7.63 -25.14 6.50
C SER D 203 8.05 -24.91 5.02
N ILE D 204 7.55 -23.81 4.42
CA ILE D 204 7.84 -23.39 3.05
C ILE D 204 8.26 -21.93 3.05
N THR D 205 9.54 -21.67 2.68
CA THR D 205 10.10 -20.33 2.62
C THR D 205 10.33 -19.93 1.17
N LEU D 206 9.63 -18.88 0.72
CA LEU D 206 9.79 -18.32 -0.62
C LEU D 206 10.71 -17.10 -0.51
N CYS D 207 11.86 -17.15 -1.16
CA CYS D 207 12.87 -16.10 -1.08
C CYS D 207 12.79 -15.23 -2.32
N VAL D 208 12.44 -13.96 -2.12
CA VAL D 208 12.26 -12.96 -3.16
C VAL D 208 13.51 -12.09 -3.22
N LEU D 209 14.37 -12.39 -4.19
CA LEU D 209 15.65 -11.71 -4.36
C LEU D 209 15.69 -10.71 -5.48
N GLY D 210 16.35 -9.59 -5.25
CA GLY D 210 16.59 -8.60 -6.28
C GLY D 210 17.87 -9.01 -6.98
N LEU D 211 18.51 -8.10 -7.72
CA LEU D 211 19.78 -8.39 -8.39
C LEU D 211 20.91 -8.69 -7.38
N ILE D 212 21.61 -9.82 -7.60
CA ILE D 212 22.71 -10.31 -6.78
C ILE D 212 23.97 -10.31 -7.63
N ASP D 213 25.12 -9.95 -7.02
CA ASP D 213 26.41 -9.85 -7.73
C ASP D 213 27.08 -11.17 -8.13
N THR D 214 26.30 -12.17 -8.55
CA THR D 214 26.88 -13.43 -8.99
C THR D 214 27.48 -13.20 -10.36
N GLU D 215 28.49 -14.00 -10.72
CA GLU D 215 29.18 -13.90 -12.01
C GLU D 215 28.20 -13.94 -13.19
N THR D 216 27.24 -14.91 -13.20
CA THR D 216 26.27 -15.02 -14.30
C THR D 216 25.33 -13.81 -14.42
N ALA D 217 24.87 -13.25 -13.29
CA ALA D 217 23.98 -12.08 -13.27
C ALA D 217 24.71 -10.81 -13.72
N MET D 218 25.96 -10.62 -13.26
CA MET D 218 26.77 -9.46 -13.65
C MET D 218 27.04 -9.42 -15.13
N LYS D 219 27.31 -10.60 -15.72
CA LYS D 219 27.53 -10.73 -17.14
C LYS D 219 26.21 -10.52 -17.92
N ALA D 220 25.10 -11.09 -17.43
CA ALA D 220 23.78 -11.00 -18.08
C ALA D 220 23.22 -9.57 -18.14
N VAL D 221 23.50 -8.72 -17.13
CA VAL D 221 23.00 -7.34 -17.06
C VAL D 221 23.91 -6.31 -17.73
N SER D 222 25.21 -6.64 -17.93
CA SER D 222 26.24 -5.75 -18.50
C SER D 222 25.82 -5.07 -19.82
N GLY D 223 25.70 -3.74 -19.77
CA GLY D 223 25.33 -2.94 -20.93
C GLY D 223 23.86 -3.00 -21.35
N ILE D 224 23.03 -3.73 -20.57
CA ILE D 224 21.61 -3.86 -20.86
C ILE D 224 20.72 -3.14 -19.86
N VAL D 225 20.98 -3.34 -18.57
CA VAL D 225 20.21 -2.66 -17.53
C VAL D 225 21.12 -2.00 -16.51
N HIS D 226 20.67 -0.91 -15.90
CA HIS D 226 21.41 -0.23 -14.86
C HIS D 226 20.68 -0.50 -13.54
N MET D 227 21.26 -1.40 -12.76
CA MET D 227 20.71 -1.82 -11.48
C MET D 227 21.85 -2.15 -10.52
N GLN D 228 21.72 -1.71 -9.26
CA GLN D 228 22.70 -2.00 -8.21
C GLN D 228 22.48 -3.44 -7.71
N ALA D 229 23.56 -4.25 -7.72
CA ALA D 229 23.56 -5.64 -7.27
C ALA D 229 23.90 -5.72 -5.79
N ALA D 230 23.28 -6.66 -5.07
CA ALA D 230 23.50 -6.88 -3.63
C ALA D 230 24.54 -8.02 -3.47
N PRO D 231 25.27 -8.10 -2.33
CA PRO D 231 26.31 -9.15 -2.21
C PRO D 231 25.77 -10.57 -2.01
N LYS D 232 26.33 -11.54 -2.79
CA LYS D 232 25.94 -12.95 -2.79
C LYS D 232 26.10 -13.67 -1.46
N GLU D 233 27.16 -13.34 -0.71
CA GLU D 233 27.48 -13.94 0.58
C GLU D 233 26.37 -13.67 1.58
N GLU D 234 25.97 -12.38 1.73
CA GLU D 234 24.91 -11.96 2.65
C GLU D 234 23.55 -12.49 2.18
N CYS D 235 23.35 -12.51 0.85
CA CYS D 235 22.12 -13.03 0.24
C CYS D 235 21.90 -14.47 0.67
N ALA D 236 22.95 -15.30 0.49
CA ALA D 236 22.97 -16.72 0.85
C ALA D 236 22.63 -16.95 2.33
N LEU D 237 23.16 -16.08 3.22
CA LEU D 237 22.90 -16.17 4.66
C LEU D 237 21.46 -15.85 5.00
N GLU D 238 20.90 -14.80 4.37
CA GLU D 238 19.50 -14.38 4.59
C GLU D 238 18.49 -15.46 4.17
N ILE D 239 18.83 -16.24 3.12
CA ILE D 239 18.03 -17.37 2.63
C ILE D 239 18.02 -18.46 3.71
N ILE D 240 19.22 -18.85 4.22
CA ILE D 240 19.40 -19.85 5.27
C ILE D 240 18.65 -19.45 6.52
N LYS D 241 18.80 -18.18 6.97
CA LYS D 241 18.11 -17.63 8.15
C LYS D 241 16.59 -17.80 8.07
N GLY D 242 15.96 -17.34 6.98
CA GLY D 242 14.51 -17.46 6.81
C GLY D 242 13.99 -18.88 6.88
N GLY D 243 14.76 -19.79 6.27
CA GLY D 243 14.47 -21.22 6.27
C GLY D 243 14.57 -21.82 7.66
N ALA D 244 15.64 -21.50 8.39
CA ALA D 244 15.86 -21.92 9.77
C ALA D 244 14.74 -21.38 10.70
N LEU D 245 14.31 -20.11 10.47
CA LEU D 245 13.25 -19.47 11.25
C LEU D 245 11.83 -19.86 10.80
N ARG D 246 11.74 -20.68 9.73
CA ARG D 246 10.47 -21.18 9.17
C ARG D 246 9.59 -20.03 8.66
N GLN D 247 10.22 -18.94 8.18
CA GLN D 247 9.52 -17.77 7.65
C GLN D 247 8.87 -18.16 6.32
N GLU D 248 7.69 -17.62 6.06
CA GLU D 248 6.97 -17.91 4.84
C GLU D 248 7.65 -17.24 3.64
N GLU D 249 8.10 -15.99 3.83
CA GLU D 249 8.75 -15.23 2.78
C GLU D 249 9.99 -14.48 3.29
N VAL D 250 11.03 -14.39 2.44
CA VAL D 250 12.28 -13.66 2.70
C VAL D 250 12.41 -12.64 1.57
N TYR D 251 12.78 -11.41 1.93
CA TYR D 251 12.98 -10.35 0.95
C TYR D 251 14.40 -9.84 1.05
N TYR D 252 15.15 -9.90 -0.05
CA TYR D 252 16.52 -9.42 -0.06
C TYR D 252 16.83 -8.65 -1.34
N ASP D 253 17.11 -7.36 -1.21
CA ASP D 253 17.38 -6.46 -2.34
C ASP D 253 18.23 -5.26 -1.88
N SER D 254 18.97 -4.62 -2.81
CA SER D 254 19.82 -3.45 -2.58
C SER D 254 19.02 -2.23 -2.12
N SER D 255 17.81 -2.03 -2.67
CA SER D 255 16.92 -0.90 -2.36
C SER D 255 16.10 -1.09 -1.07
N ARG D 256 16.09 -0.05 -0.23
CA ARG D 256 15.28 -0.06 0.99
C ARG D 256 13.81 0.22 0.66
N TRP D 257 13.55 0.78 -0.55
CA TRP D 257 12.20 1.05 -1.02
C TRP D 257 11.49 -0.24 -1.42
N THR D 258 12.26 -1.24 -1.91
CA THR D 258 11.76 -2.57 -2.26
C THR D 258 11.17 -3.20 -1.02
N THR D 259 11.97 -3.25 0.06
CA THR D 259 11.57 -3.81 1.36
C THR D 259 10.31 -3.14 1.91
N LEU D 260 10.19 -1.81 1.73
CA LEU D 260 9.02 -1.02 2.13
C LEU D 260 7.77 -1.34 1.28
N LEU D 261 7.96 -1.74 0.01
CA LEU D 261 6.82 -1.95 -0.90
C LEU D 261 6.44 -3.36 -1.36
N ILE D 262 7.37 -4.37 -1.40
CA ILE D 262 7.04 -5.73 -1.91
C ILE D 262 5.96 -6.47 -1.19
N ARG D 263 5.88 -6.29 0.12
CA ARG D 263 4.91 -7.00 0.94
C ARG D 263 3.51 -6.65 0.50
N ASN D 264 2.65 -7.66 0.45
CA ASN D 264 1.27 -7.51 0.01
C ASN D 264 0.37 -7.86 1.19
N PRO D 265 0.16 -6.92 2.16
CA PRO D 265 -0.74 -7.22 3.29
C PRO D 265 -2.18 -7.54 2.85
N CYS D 266 -2.64 -6.92 1.74
CA CYS D 266 -3.98 -7.15 1.18
C CYS D 266 -4.19 -8.60 0.74
N ARG D 267 -3.14 -9.24 0.15
CA ARG D 267 -3.17 -10.66 -0.24
C ARG D 267 -3.34 -11.51 1.02
N LYS D 268 -2.58 -11.20 2.10
CA LYS D 268 -2.67 -11.90 3.40
C LYS D 268 -4.09 -11.81 3.98
N ILE D 269 -4.70 -10.59 3.94
CA ILE D 269 -6.07 -10.35 4.40
C ILE D 269 -7.10 -11.14 3.56
N LEU D 270 -7.00 -11.09 2.22
CA LEU D 270 -7.90 -11.84 1.33
C LEU D 270 -7.85 -13.32 1.61
N GLU D 271 -6.64 -13.87 1.71
CA GLU D 271 -6.43 -15.29 1.99
C GLU D 271 -7.08 -15.72 3.32
N GLU D 272 -7.00 -14.84 4.35
CA GLU D 272 -7.61 -15.04 5.66
C GLU D 272 -9.14 -15.03 5.47
N LEU D 273 -9.67 -14.03 4.74
CA LEU D 273 -11.10 -13.93 4.44
C LEU D 273 -11.67 -15.18 3.76
N TYR D 274 -10.96 -15.70 2.71
CA TYR D 274 -11.35 -16.88 1.91
C TYR D 274 -11.12 -18.22 2.59
N SER D 275 -10.34 -18.22 3.70
CA SER D 275 -10.01 -19.44 4.46
C SER D 275 -11.24 -20.12 5.06
N THR D 276 -12.33 -19.38 5.19
CA THR D 276 -13.57 -19.89 5.78
C THR D 276 -14.49 -20.53 4.72
N SER D 277 -14.26 -20.22 3.44
CA SER D 277 -15.01 -20.68 2.27
C SER D 277 -14.82 -22.15 1.95
N TYR D 278 -13.75 -22.78 2.44
CA TYR D 278 -13.48 -24.19 2.11
C TYR D 278 -13.48 -25.14 3.30
N ASN D 279 -13.87 -26.40 3.03
CA ASN D 279 -13.89 -27.51 3.96
C ASN D 279 -13.07 -28.63 3.32
N MET D 280 -11.87 -28.87 3.88
CA MET D 280 -10.95 -29.88 3.37
C MET D 280 -11.09 -31.25 4.02
N ASP D 281 -11.90 -31.37 5.10
CA ASP D 281 -12.08 -32.65 5.77
C ASP D 281 -12.98 -33.60 4.99
N ARG D 282 -12.33 -34.28 4.04
CA ARG D 282 -12.82 -35.23 3.03
C ARG D 282 -11.55 -35.79 2.36
N PHE D 283 -10.50 -34.94 2.32
CA PHE D 283 -9.15 -35.20 1.80
C PHE D 283 -8.17 -35.50 2.94
N ILE D 284 -8.49 -35.02 4.15
CA ILE D 284 -7.67 -35.20 5.35
C ILE D 284 -8.53 -35.57 6.55
N ASN D 285 -8.43 -36.84 6.97
CA ASN D 285 -9.16 -37.39 8.11
C ASN D 285 -8.35 -38.45 8.85
#